data_5WGL
#
_entry.id   5WGL
#
_cell.length_a   87.189
_cell.length_b   88.002
_cell.length_c   119.025
_cell.angle_alpha   90.00
_cell.angle_beta   90.00
_cell.angle_gamma   90.00
#
_symmetry.space_group_name_H-M   'P 21 21 21'
#
loop_
_entity.id
_entity.type
_entity.pdbx_description
1 polymer 'Hdac6 protein'
2 non-polymer 'ZINC ION'
3 non-polymer 'POTASSIUM ION'
4 non-polymer 2-(diphenylamino)-N-[7-(hydroxyamino)-7-oxoheptyl]pyrimidine-5-carboxamide
5 non-polymer 1,2-ETHANEDIOL
6 non-polymer DI(HYDROXYETHYL)ETHER
7 non-polymer 'CITRATE ANION'
8 water water
#
_entity_poly.entity_id   1
_entity_poly.type   'polypeptide(L)'
_entity_poly.pdbx_seq_one_letter_code
;SNAGGSSPITGLVYDQRMMLHHNMWDSHHPELPQRISRIFSRHEELRLLSRCHRIPARLATEEELALCHSSKHISIIKSS
EHMKPRDLNRLGDEYNSIFISNESYTCALLAAGSCFNSAQAILTGQVRNAVAIVRPPGHHAEKDTACGFCFFNTAALTAR
YAQSITRESLRVLIVDWDVHHGNGTQHIFEEDDSVLYISLHRYEDGAFFPNSEDANYDKVGLGKGRGYNVNIPWNGGKMG
DPEYMAAFHHLVMPIAREFAPELVLVSAGFDAARGDPLGGFQVTPEGYAHLTHQLMSLAAGRVLIILEGGYNLTSISESM
SMCTSMLLGDSPPSLDHLTPLKTSATVSINNVLRAHAPFWSSLR
;
_entity_poly.pdbx_strand_id   A,B
#
loop_
_chem_comp.id
_chem_comp.type
_chem_comp.name
_chem_comp.formula
AH4 non-polymer 2-(diphenylamino)-N-[7-(hydroxyamino)-7-oxoheptyl]pyrimidine-5-carboxamide 'C24 H27 N5 O3'
EDO non-polymer 1,2-ETHANEDIOL 'C2 H6 O2'
FLC non-polymer 'CITRATE ANION' 'C6 H5 O7 -3'
K non-polymer 'POTASSIUM ION' 'K 1'
PEG non-polymer DI(HYDROXYETHYL)ETHER 'C4 H10 O3'
ZN non-polymer 'ZINC ION' 'Zn 2'
#
# COMPACT_ATOMS: atom_id res chain seq x y z
N SER A 7 2.09 -25.35 -17.19
CA SER A 7 1.71 -25.77 -15.85
C SER A 7 2.45 -24.96 -14.78
N PRO A 8 1.71 -24.19 -13.98
CA PRO A 8 2.37 -23.31 -13.00
C PRO A 8 3.23 -24.10 -12.01
N ILE A 9 4.43 -23.60 -11.77
N ILE A 9 4.44 -23.60 -11.78
CA ILE A 9 5.33 -24.29 -10.85
CA ILE A 9 5.35 -24.24 -10.85
C ILE A 9 5.19 -23.79 -9.41
C ILE A 9 5.02 -23.90 -9.40
N THR A 10 4.37 -22.76 -9.15
CA THR A 10 4.15 -22.21 -7.80
C THR A 10 2.66 -22.18 -7.44
N GLY A 11 2.27 -22.79 -6.27
CA GLY A 11 0.91 -22.68 -5.77
C GLY A 11 0.66 -21.45 -4.84
N LEU A 12 -0.63 -21.03 -4.70
CA LEU A 12 -1.05 -19.91 -3.83
C LEU A 12 -2.42 -20.22 -3.21
N VAL A 13 -2.57 -20.05 -1.87
CA VAL A 13 -3.88 -20.19 -1.19
C VAL A 13 -4.24 -18.89 -0.43
N TYR A 14 -5.50 -18.43 -0.61
CA TYR A 14 -6.09 -17.26 0.08
C TYR A 14 -7.62 -17.39 0.12
N ASP A 15 -8.25 -17.13 1.29
CA ASP A 15 -9.72 -17.13 1.41
C ASP A 15 -10.18 -15.99 2.32
N GLN A 16 -11.10 -15.13 1.82
CA GLN A 16 -11.53 -13.92 2.56
C GLN A 16 -12.35 -14.22 3.81
N ARG A 17 -12.85 -15.45 3.99
CA ARG A 17 -13.51 -15.83 5.24
C ARG A 17 -12.59 -15.67 6.46
N MET A 18 -11.25 -15.80 6.31
CA MET A 18 -10.36 -15.65 7.48
C MET A 18 -10.30 -14.19 8.01
N MET A 19 -10.97 -13.22 7.35
CA MET A 19 -11.09 -11.84 7.87
C MET A 19 -12.12 -11.72 9.03
N LEU A 20 -12.93 -12.74 9.32
CA LEU A 20 -14.06 -12.55 10.25
C LEU A 20 -13.66 -12.52 11.74
N HIS A 21 -12.53 -13.15 12.14
CA HIS A 21 -11.94 -13.01 13.49
C HIS A 21 -11.61 -11.54 13.78
N HIS A 22 -12.12 -10.97 14.89
CA HIS A 22 -11.95 -9.53 15.18
C HIS A 22 -12.03 -9.24 16.69
N ASN A 23 -11.57 -8.02 17.10
CA ASN A 23 -11.45 -7.60 18.51
C ASN A 23 -12.58 -6.60 18.86
N MET A 24 -13.58 -7.05 19.62
CA MET A 24 -14.75 -6.17 19.79
C MET A 24 -14.57 -5.10 20.87
N TRP A 25 -13.48 -5.13 21.65
CA TRP A 25 -13.22 -4.11 22.67
C TRP A 25 -12.09 -3.14 22.30
N ASP A 26 -11.42 -3.33 21.13
CA ASP A 26 -10.23 -2.56 20.74
C ASP A 26 -10.02 -2.67 19.23
N SER A 27 -10.71 -1.84 18.43
CA SER A 27 -10.78 -2.05 16.98
C SER A 27 -9.49 -1.65 16.23
N HIS A 28 -8.54 -0.99 16.91
CA HIS A 28 -7.23 -0.67 16.33
C HIS A 28 -6.10 -1.62 16.80
N HIS A 29 -6.43 -2.76 17.45
CA HIS A 29 -5.44 -3.78 17.81
C HIS A 29 -4.63 -4.20 16.57
N PRO A 30 -3.30 -4.39 16.69
CA PRO A 30 -2.44 -4.52 15.47
C PRO A 30 -2.69 -5.77 14.57
N GLU A 31 -3.25 -6.87 15.11
CA GLU A 31 -3.50 -8.09 14.32
C GLU A 31 -4.88 -7.94 13.64
N LEU A 32 -4.91 -7.15 12.54
CA LEU A 32 -6.10 -6.61 11.83
C LEU A 32 -6.58 -7.56 10.71
N PRO A 33 -7.91 -7.68 10.53
CA PRO A 33 -8.45 -8.38 9.34
C PRO A 33 -7.81 -8.01 7.99
N GLN A 34 -7.51 -6.73 7.76
CA GLN A 34 -7.00 -6.31 6.45
C GLN A 34 -5.51 -6.67 6.22
N ARG A 35 -4.82 -7.29 7.19
CA ARG A 35 -3.47 -7.80 6.90
C ARG A 35 -3.46 -8.73 5.67
N ILE A 36 -4.42 -9.70 5.60
CA ILE A 36 -4.37 -10.67 4.50
C ILE A 36 -4.93 -10.10 3.19
N SER A 37 -5.95 -9.23 3.24
CA SER A 37 -6.53 -8.67 2.00
C SER A 37 -5.58 -7.66 1.34
N ARG A 38 -4.78 -6.93 2.15
CA ARG A 38 -3.76 -6.03 1.57
C ARG A 38 -2.67 -6.84 0.82
N ILE A 39 -2.22 -7.99 1.38
CA ILE A 39 -1.18 -8.79 0.70
C ILE A 39 -1.70 -9.36 -0.62
N PHE A 40 -2.96 -9.87 -0.63
CA PHE A 40 -3.58 -10.40 -1.87
C PHE A 40 -3.71 -9.29 -2.94
N SER A 41 -4.17 -8.10 -2.56
CA SER A 41 -4.32 -7.00 -3.54
C SER A 41 -2.99 -6.62 -4.21
N ARG A 42 -1.88 -6.60 -3.45
CA ARG A 42 -0.56 -6.30 -4.06
C ARG A 42 -0.14 -7.37 -5.10
N HIS A 43 -0.45 -8.66 -4.85
CA HIS A 43 -0.21 -9.71 -5.85
C HIS A 43 -0.99 -9.46 -7.17
N GLU A 44 -2.19 -8.88 -7.11
CA GLU A 44 -2.93 -8.50 -8.34
C GLU A 44 -2.25 -7.33 -9.06
N GLU A 45 -1.83 -6.30 -8.30
CA GLU A 45 -1.22 -5.09 -8.89
C GLU A 45 0.06 -5.41 -9.65
N LEU A 46 0.88 -6.34 -9.12
CA LEU A 46 2.16 -6.74 -9.73
C LEU A 46 2.00 -7.85 -10.78
N ARG A 47 0.78 -8.30 -11.05
CA ARG A 47 0.47 -9.37 -12.04
C ARG A 47 1.12 -10.71 -11.68
N LEU A 48 1.26 -11.01 -10.37
CA LEU A 48 1.77 -12.30 -9.92
C LEU A 48 0.68 -13.37 -9.77
N LEU A 49 -0.56 -13.00 -9.44
CA LEU A 49 -1.60 -13.99 -9.14
C LEU A 49 -1.91 -14.89 -10.34
N SER A 50 -2.00 -14.31 -11.56
CA SER A 50 -2.27 -15.09 -12.77
C SER A 50 -1.11 -16.02 -13.18
N ARG A 51 0.10 -15.85 -12.63
CA ARG A 51 1.22 -16.73 -12.89
C ARG A 51 1.23 -18.00 -11.99
N CYS A 52 0.36 -18.07 -10.96
CA CYS A 52 0.34 -19.13 -9.95
C CYS A 52 -0.83 -20.11 -10.19
N HIS A 53 -0.73 -21.31 -9.58
CA HIS A 53 -1.79 -22.31 -9.54
C HIS A 53 -2.60 -22.17 -8.23
N ARG A 54 -3.90 -21.87 -8.34
CA ARG A 54 -4.71 -21.58 -7.14
C ARG A 54 -5.13 -22.87 -6.40
N ILE A 55 -4.83 -22.95 -5.12
CA ILE A 55 -5.10 -24.12 -4.26
C ILE A 55 -6.21 -23.74 -3.29
N PRO A 56 -7.28 -24.56 -3.14
CA PRO A 56 -8.41 -24.15 -2.27
C PRO A 56 -8.17 -24.37 -0.78
N ALA A 57 -8.80 -23.50 0.04
CA ALA A 57 -8.81 -23.70 1.50
C ALA A 57 -9.76 -24.83 1.92
N ARG A 58 -9.53 -25.39 3.13
CA ARG A 58 -10.45 -26.32 3.82
C ARG A 58 -10.30 -26.25 5.35
N LEU A 59 -11.30 -26.80 6.05
CA LEU A 59 -11.19 -26.97 7.50
C LEU A 59 -10.29 -28.15 7.89
N ALA A 60 -9.41 -27.93 8.87
CA ALA A 60 -8.80 -29.07 9.58
C ALA A 60 -9.87 -29.86 10.35
N THR A 61 -9.64 -31.18 10.54
CA THR A 61 -10.52 -32.00 11.37
C THR A 61 -10.00 -32.09 12.80
N GLU A 62 -10.89 -32.49 13.74
CA GLU A 62 -10.48 -32.61 15.14
C GLU A 62 -9.43 -33.70 15.33
N GLU A 63 -9.50 -34.80 14.56
CA GLU A 63 -8.43 -35.81 14.60
C GLU A 63 -7.07 -35.27 14.14
N GLU A 64 -7.07 -34.41 13.10
CA GLU A 64 -5.83 -33.74 12.68
C GLU A 64 -5.27 -32.82 13.77
N LEU A 65 -6.13 -32.07 14.48
CA LEU A 65 -5.61 -31.20 15.54
C LEU A 65 -4.93 -32.00 16.65
N ALA A 66 -5.34 -33.26 16.87
CA ALA A 66 -4.76 -34.08 17.93
C ALA A 66 -3.36 -34.58 17.62
N LEU A 67 -2.84 -34.35 16.40
CA LEU A 67 -1.44 -34.66 16.13
C LEU A 67 -0.51 -33.88 17.05
N CYS A 68 -0.92 -32.67 17.48
CA CYS A 68 -0.12 -31.85 18.39
C CYS A 68 -0.82 -31.34 19.68
N HIS A 69 -2.15 -31.33 19.78
CA HIS A 69 -2.86 -30.67 20.90
C HIS A 69 -3.70 -31.64 21.74
N SER A 70 -3.86 -31.33 23.03
CA SER A 70 -4.68 -32.12 23.97
C SER A 70 -6.19 -32.01 23.69
N SER A 71 -6.95 -33.04 24.15
CA SER A 71 -8.40 -33.02 23.96
CA SER A 71 -8.40 -33.03 23.97
C SER A 71 -9.06 -31.90 24.76
N LYS A 72 -8.53 -31.57 25.95
CA LYS A 72 -9.13 -30.49 26.73
C LYS A 72 -8.96 -29.12 26.06
N HIS A 73 -7.77 -28.84 25.50
CA HIS A 73 -7.56 -27.56 24.79
C HIS A 73 -8.45 -27.45 23.55
N ILE A 74 -8.58 -28.54 22.76
CA ILE A 74 -9.46 -28.51 21.59
C ILE A 74 -10.89 -28.20 22.01
N SER A 75 -11.36 -28.80 23.12
CA SER A 75 -12.75 -28.67 23.53
C SER A 75 -13.08 -27.25 24.04
N ILE A 76 -12.12 -26.62 24.73
CA ILE A 76 -12.36 -25.27 25.26
C ILE A 76 -12.45 -24.24 24.13
N ILE A 77 -11.54 -24.28 23.15
CA ILE A 77 -11.62 -23.29 22.07
C ILE A 77 -12.88 -23.53 21.22
N LYS A 78 -13.24 -24.79 20.98
CA LYS A 78 -14.47 -25.11 20.24
C LYS A 78 -15.71 -24.49 20.90
N SER A 79 -15.79 -24.53 22.23
CA SER A 79 -16.98 -24.00 22.91
C SER A 79 -17.15 -22.49 22.76
N SER A 80 -16.13 -21.75 22.35
CA SER A 80 -16.32 -20.30 22.22
C SER A 80 -17.18 -19.91 21.01
N GLU A 81 -17.47 -20.84 20.09
CA GLU A 81 -18.34 -20.52 18.96
C GLU A 81 -19.70 -19.98 19.37
N HIS A 82 -20.20 -20.36 20.56
CA HIS A 82 -21.56 -19.99 20.95
C HIS A 82 -21.62 -19.19 22.27
N MET A 83 -20.52 -18.55 22.67
CA MET A 83 -20.53 -17.75 23.89
C MET A 83 -21.09 -16.34 23.65
N LYS A 84 -21.66 -15.77 24.71
CA LYS A 84 -22.11 -14.37 24.67
C LYS A 84 -20.94 -13.44 24.97
N PRO A 85 -21.06 -12.13 24.66
CA PRO A 85 -19.91 -11.22 24.82
C PRO A 85 -19.23 -11.22 26.19
N ARG A 86 -19.98 -11.19 27.30
CA ARG A 86 -19.33 -11.16 28.61
C ARG A 86 -18.49 -12.42 28.85
N ASP A 87 -18.94 -13.56 28.34
CA ASP A 87 -18.21 -14.81 28.53
C ASP A 87 -16.97 -14.91 27.62
N LEU A 88 -17.04 -14.34 26.40
CA LEU A 88 -15.86 -14.29 25.53
C LEU A 88 -14.76 -13.42 26.12
N ASN A 89 -15.12 -12.29 26.74
N ASN A 89 -15.13 -12.28 26.72
CA ASN A 89 -14.10 -11.45 27.35
CA ASN A 89 -14.15 -11.42 27.39
C ASN A 89 -13.44 -12.15 28.54
C ASN A 89 -13.45 -12.15 28.52
N ARG A 90 -14.20 -12.91 29.33
CA ARG A 90 -13.62 -13.60 30.47
C ARG A 90 -12.66 -14.72 30.04
N LEU A 91 -13.04 -15.53 29.04
CA LEU A 91 -12.16 -16.62 28.60
C LEU A 91 -10.85 -16.08 28.04
N GLY A 92 -10.90 -15.03 27.21
CA GLY A 92 -9.69 -14.49 26.63
C GLY A 92 -8.71 -13.98 27.68
N ASP A 93 -9.22 -13.37 28.76
CA ASP A 93 -8.35 -12.84 29.78
C ASP A 93 -7.66 -13.93 30.62
N GLU A 94 -7.97 -15.21 30.40
CA GLU A 94 -7.25 -16.29 31.07
C GLU A 94 -5.91 -16.65 30.41
N TYR A 95 -5.65 -16.23 29.18
CA TYR A 95 -4.38 -16.49 28.49
C TYR A 95 -3.52 -15.23 28.46
N ASN A 96 -2.25 -15.39 28.07
CA ASN A 96 -1.31 -14.27 27.86
C ASN A 96 -1.53 -13.70 26.45
N SER A 97 -2.12 -12.49 26.36
CA SER A 97 -2.26 -11.70 25.11
C SER A 97 -3.10 -12.38 24.02
N ILE A 98 -4.41 -12.55 24.31
CA ILE A 98 -5.41 -13.19 23.42
C ILE A 98 -6.73 -12.39 23.44
N PHE A 99 -7.35 -12.20 22.24
CA PHE A 99 -8.76 -11.79 22.08
C PHE A 99 -9.56 -12.82 21.26
N ILE A 100 -10.88 -12.96 21.56
CA ILE A 100 -11.75 -13.99 20.95
C ILE A 100 -13.10 -13.39 20.51
N SER A 101 -13.59 -13.80 19.31
CA SER A 101 -14.98 -13.56 18.82
C SER A 101 -15.63 -14.90 18.44
N ASN A 102 -16.92 -14.89 18.06
CA ASN A 102 -17.60 -16.15 17.74
C ASN A 102 -17.05 -16.84 16.49
N GLU A 103 -16.33 -16.11 15.63
CA GLU A 103 -15.75 -16.63 14.39
C GLU A 103 -14.32 -17.16 14.54
N SER A 104 -13.68 -17.02 15.72
CA SER A 104 -12.25 -17.30 15.86
C SER A 104 -11.92 -18.77 15.60
N TYR A 105 -12.71 -19.69 16.18
CA TYR A 105 -12.44 -21.13 16.02
C TYR A 105 -12.45 -21.55 14.55
N THR A 106 -13.47 -21.13 13.78
CA THR A 106 -13.55 -21.45 12.35
C THR A 106 -12.35 -20.90 11.56
N CYS A 107 -11.91 -19.67 11.87
CA CYS A 107 -10.77 -19.07 11.14
C CYS A 107 -9.46 -19.83 11.40
N ALA A 108 -9.24 -20.27 12.65
CA ALA A 108 -8.04 -21.05 12.99
C ALA A 108 -8.04 -22.42 12.31
N LEU A 109 -9.23 -23.04 12.13
CA LEU A 109 -9.34 -24.29 11.37
C LEU A 109 -9.02 -24.10 9.89
N LEU A 110 -9.46 -22.99 9.29
CA LEU A 110 -9.18 -22.73 7.87
C LEU A 110 -7.70 -22.46 7.64
N ALA A 111 -7.02 -21.74 8.56
CA ALA A 111 -5.59 -21.50 8.41
C ALA A 111 -4.79 -22.82 8.38
N ALA A 112 -5.14 -23.76 9.27
CA ALA A 112 -4.43 -25.04 9.31
C ALA A 112 -4.70 -25.90 8.08
N GLY A 113 -5.97 -26.06 7.68
CA GLY A 113 -6.29 -26.90 6.51
C GLY A 113 -5.76 -26.37 5.18
N SER A 114 -5.70 -25.04 5.03
CA SER A 114 -5.07 -24.43 3.86
C SER A 114 -3.62 -24.89 3.69
N CYS A 115 -2.89 -24.95 4.80
CA CYS A 115 -1.48 -25.38 4.78
C CYS A 115 -1.36 -26.89 4.55
N PHE A 116 -2.32 -27.70 5.04
CA PHE A 116 -2.28 -29.15 4.71
C PHE A 116 -2.48 -29.39 3.19
N ASN A 117 -3.47 -28.71 2.55
CA ASN A 117 -3.65 -28.87 1.10
C ASN A 117 -2.41 -28.42 0.31
N SER A 118 -1.72 -27.37 0.76
CA SER A 118 -0.49 -26.90 0.09
C SER A 118 0.65 -27.92 0.19
N ALA A 119 0.86 -28.52 1.38
CA ALA A 119 1.93 -29.51 1.54
C ALA A 119 1.65 -30.76 0.69
N GLN A 120 0.39 -31.18 0.59
CA GLN A 120 0.03 -32.33 -0.25
C GLN A 120 0.31 -32.08 -1.74
N ALA A 121 0.02 -30.86 -2.24
CA ALA A 121 0.29 -30.52 -3.64
C ALA A 121 1.80 -30.56 -3.95
N ILE A 122 2.62 -30.07 -3.01
CA ILE A 122 4.07 -30.11 -3.18
C ILE A 122 4.57 -31.56 -3.20
N LEU A 123 4.18 -32.37 -2.19
CA LEU A 123 4.74 -33.72 -2.06
C LEU A 123 4.31 -34.67 -3.20
N THR A 124 3.14 -34.47 -3.81
CA THR A 124 2.70 -35.33 -4.92
C THR A 124 3.17 -34.84 -6.30
N GLY A 125 3.88 -33.70 -6.36
CA GLY A 125 4.41 -33.19 -7.60
C GLY A 125 3.46 -32.38 -8.45
N GLN A 126 2.29 -31.99 -7.92
CA GLN A 126 1.40 -31.10 -8.68
C GLN A 126 1.99 -29.69 -8.83
N VAL A 127 2.72 -29.21 -7.81
CA VAL A 127 3.51 -27.97 -7.85
C VAL A 127 4.89 -28.25 -7.25
N ARG A 128 5.85 -27.37 -7.55
CA ARG A 128 7.20 -27.46 -6.97
C ARG A 128 7.32 -26.78 -5.60
N ASN A 129 6.61 -25.66 -5.38
CA ASN A 129 6.72 -24.85 -4.14
C ASN A 129 5.40 -24.06 -3.99
N ALA A 130 5.22 -23.29 -2.89
CA ALA A 130 3.93 -22.60 -2.65
C ALA A 130 4.01 -21.53 -1.52
N VAL A 131 2.98 -20.61 -1.51
CA VAL A 131 2.79 -19.60 -0.45
C VAL A 131 1.37 -19.65 0.13
N ALA A 132 1.23 -19.36 1.46
CA ALA A 132 -0.06 -19.37 2.17
C ALA A 132 -0.34 -18.04 2.89
N ILE A 133 -1.37 -17.30 2.43
CA ILE A 133 -1.72 -15.96 2.98
C ILE A 133 -2.87 -16.18 4.00
N VAL A 134 -2.52 -16.45 5.30
CA VAL A 134 -3.44 -16.94 6.35
C VAL A 134 -3.34 -16.14 7.68
N ARG A 135 -4.44 -16.10 8.45
CA ARG A 135 -4.53 -15.59 9.84
C ARG A 135 -5.68 -16.28 10.58
N PRO A 136 -5.68 -16.30 11.95
CA PRO A 136 -4.65 -15.87 12.92
C PRO A 136 -3.35 -16.67 12.83
N PRO A 137 -2.24 -16.14 13.41
CA PRO A 137 -0.95 -16.86 13.38
C PRO A 137 -0.87 -18.08 14.32
N GLY A 138 0.28 -18.78 14.35
CA GLY A 138 0.44 -20.07 15.05
C GLY A 138 1.61 -20.36 16.00
N HIS A 139 2.78 -19.69 15.88
CA HIS A 139 4.00 -20.25 16.49
C HIS A 139 4.14 -20.12 18.03
N HIS A 140 3.29 -19.34 18.74
CA HIS A 140 3.32 -19.34 20.23
C HIS A 140 2.40 -20.40 20.86
N ALA A 141 1.49 -21.05 20.11
CA ALA A 141 0.54 -21.99 20.72
C ALA A 141 1.24 -23.29 21.15
N GLU A 142 0.92 -23.76 22.37
CA GLU A 142 1.49 -24.96 23.00
C GLU A 142 0.52 -26.16 22.91
N LYS A 143 1.01 -27.35 23.33
CA LYS A 143 0.13 -28.53 23.35
C LYS A 143 -1.19 -28.23 24.11
N ASP A 144 -1.10 -27.53 25.24
N ASP A 144 -1.10 -27.54 25.25
CA ASP A 144 -2.20 -27.39 26.19
CA ASP A 144 -2.24 -27.41 26.17
C ASP A 144 -2.83 -26.00 26.27
C ASP A 144 -2.71 -25.96 26.39
N THR A 145 -2.32 -24.98 25.56
CA THR A 145 -2.79 -23.60 25.77
C THR A 145 -2.54 -22.66 24.56
N ALA A 146 -3.33 -21.56 24.51
CA ALA A 146 -3.21 -20.45 23.56
C ALA A 146 -2.30 -19.34 24.13
N CYS A 147 -1.72 -18.49 23.22
CA CYS A 147 -0.73 -17.48 23.64
C CYS A 147 -0.37 -16.56 22.46
N GLY A 148 -0.20 -15.25 22.74
CA GLY A 148 0.39 -14.32 21.77
C GLY A 148 -0.29 -14.18 20.41
N PHE A 149 -1.61 -13.99 20.40
CA PHE A 149 -2.46 -13.87 19.19
C PHE A 149 -2.70 -15.25 18.48
N CYS A 150 -2.22 -16.40 19.02
CA CYS A 150 -2.22 -17.74 18.39
C CYS A 150 -3.09 -18.77 19.14
N PHE A 151 -3.87 -19.60 18.40
CA PHE A 151 -4.75 -20.63 18.99
C PHE A 151 -4.25 -22.08 18.80
N PHE A 152 -3.91 -22.48 17.57
CA PHE A 152 -3.35 -23.79 17.24
C PHE A 152 -2.03 -23.59 16.46
N ASN A 153 -1.07 -24.52 16.58
CA ASN A 153 0.28 -24.29 15.99
C ASN A 153 0.33 -24.81 14.54
N THR A 154 -0.02 -23.92 13.60
CA THR A 154 -0.19 -24.24 12.16
C THR A 154 1.05 -24.93 11.56
N ALA A 155 2.24 -24.39 11.82
CA ALA A 155 3.46 -24.93 11.20
C ALA A 155 3.81 -26.31 11.77
N ALA A 156 3.72 -26.48 13.10
CA ALA A 156 4.02 -27.79 13.70
C ALA A 156 3.05 -28.87 13.23
N LEU A 157 1.74 -28.52 13.15
CA LEU A 157 0.73 -29.45 12.61
C LEU A 157 1.05 -29.86 11.16
N THR A 158 1.53 -28.92 10.33
CA THR A 158 1.83 -29.24 8.92
C THR A 158 2.99 -30.26 8.80
N ALA A 159 4.03 -30.14 9.64
CA ALA A 159 5.11 -31.15 9.68
C ALA A 159 4.57 -32.56 10.00
N ARG A 160 3.73 -32.69 11.05
CA ARG A 160 3.18 -34.01 11.41
C ARG A 160 2.20 -34.54 10.35
N TYR A 161 1.40 -33.65 9.73
CA TYR A 161 0.57 -34.08 8.59
C TYR A 161 1.42 -34.67 7.46
N ALA A 162 2.49 -33.99 7.04
CA ALA A 162 3.35 -34.47 5.96
C ALA A 162 3.96 -35.85 6.28
N GLN A 163 4.37 -36.06 7.54
CA GLN A 163 4.91 -37.38 7.93
C GLN A 163 3.83 -38.46 7.89
N SER A 164 2.58 -38.12 8.24
CA SER A 164 1.49 -39.11 8.27
C SER A 164 1.13 -39.64 6.88
N ILE A 165 1.32 -38.86 5.80
CA ILE A 165 0.97 -39.35 4.45
C ILE A 165 2.16 -39.93 3.67
N THR A 166 3.40 -39.83 4.18
CA THR A 166 4.57 -40.39 3.50
C THR A 166 5.21 -41.50 4.35
N ARG A 167 6.14 -41.17 5.27
CA ARG A 167 6.65 -42.14 6.24
C ARG A 167 7.03 -41.40 7.54
N GLU A 168 7.05 -42.14 8.68
CA GLU A 168 7.15 -41.48 9.98
C GLU A 168 8.43 -40.67 10.15
N SER A 169 9.53 -41.07 9.51
CA SER A 169 10.83 -40.43 9.70
C SER A 169 11.21 -39.45 8.55
N LEU A 170 10.24 -39.01 7.74
CA LEU A 170 10.52 -37.95 6.74
C LEU A 170 11.17 -36.73 7.41
N ARG A 171 12.32 -36.28 6.88
CA ARG A 171 13.10 -35.20 7.53
C ARG A 171 12.59 -33.78 7.15
N VAL A 172 12.14 -33.01 8.15
CA VAL A 172 11.55 -31.66 7.94
C VAL A 172 12.41 -30.60 8.67
N LEU A 173 12.76 -29.51 7.95
CA LEU A 173 13.39 -28.31 8.55
C LEU A 173 12.36 -27.19 8.68
N ILE A 174 12.25 -26.57 9.87
CA ILE A 174 11.44 -25.34 10.06
C ILE A 174 12.39 -24.15 10.32
N VAL A 175 12.35 -23.12 9.44
CA VAL A 175 13.13 -21.89 9.62
C VAL A 175 12.16 -20.77 10.06
N ASP A 176 12.38 -20.19 11.27
CA ASP A 176 11.46 -19.18 11.88
C ASP A 176 12.15 -17.80 11.85
N TRP A 177 11.83 -16.96 10.84
CA TRP A 177 12.45 -15.63 10.69
C TRP A 177 11.53 -14.47 11.16
N ASP A 178 10.34 -14.75 11.72
CA ASP A 178 9.59 -13.77 12.52
C ASP A 178 10.50 -13.18 13.61
N VAL A 179 10.28 -11.89 13.98
CA VAL A 179 11.15 -11.21 14.97
C VAL A 179 11.02 -11.75 16.41
N HIS A 180 9.96 -12.49 16.73
CA HIS A 180 9.74 -13.11 18.06
C HIS A 180 10.13 -14.61 18.08
N HIS A 181 10.54 -15.13 19.27
CA HIS A 181 10.84 -16.58 19.42
C HIS A 181 9.58 -17.44 19.33
N GLY A 182 9.65 -18.55 18.60
CA GLY A 182 8.52 -19.48 18.57
C GLY A 182 8.52 -20.53 19.67
N ASN A 183 8.07 -20.17 20.89
CA ASN A 183 8.19 -21.06 22.07
C ASN A 183 7.42 -22.38 21.90
N GLY A 184 6.23 -22.34 21.28
CA GLY A 184 5.45 -23.58 21.11
C GLY A 184 6.10 -24.59 20.17
N THR A 185 6.63 -24.11 19.03
CA THR A 185 7.32 -25.00 18.09
C THR A 185 8.55 -25.68 18.73
N GLN A 186 9.40 -24.90 19.44
CA GLN A 186 10.53 -25.48 20.19
C GLN A 186 10.09 -26.61 21.14
N HIS A 187 9.05 -26.36 21.96
CA HIS A 187 8.65 -27.33 22.99
C HIS A 187 8.06 -28.62 22.36
N ILE A 188 7.25 -28.48 21.30
CA ILE A 188 6.62 -29.64 20.64
C ILE A 188 7.68 -30.62 20.10
N PHE A 189 8.79 -30.12 19.53
CA PHE A 189 9.80 -30.97 18.90
C PHE A 189 11.10 -31.12 19.73
N GLU A 190 11.09 -30.76 21.02
CA GLU A 190 12.35 -30.64 21.78
C GLU A 190 13.10 -31.98 21.92
N GLU A 191 12.39 -33.11 22.00
N GLU A 191 12.39 -33.11 21.93
CA GLU A 191 13.03 -34.43 22.10
CA GLU A 191 12.98 -34.43 22.10
C GLU A 191 12.89 -35.24 20.80
C GLU A 191 13.13 -35.22 20.78
N ASP A 192 12.92 -34.56 19.63
CA ASP A 192 12.73 -35.21 18.32
C ASP A 192 13.91 -34.91 17.38
N ASP A 193 14.49 -35.97 16.75
CA ASP A 193 15.57 -35.81 15.76
C ASP A 193 15.10 -35.90 14.30
N SER A 194 13.79 -36.02 14.05
CA SER A 194 13.29 -35.99 12.69
C SER A 194 12.85 -34.61 12.24
N VAL A 195 12.74 -33.63 13.15
CA VAL A 195 12.33 -32.24 12.82
C VAL A 195 13.37 -31.27 13.41
N LEU A 196 14.12 -30.57 12.53
CA LEU A 196 15.12 -29.58 12.96
C LEU A 196 14.49 -28.19 13.04
N TYR A 197 14.58 -27.50 14.21
CA TYR A 197 14.02 -26.15 14.43
C TYR A 197 15.14 -25.09 14.53
N ILE A 198 15.10 -24.04 13.67
CA ILE A 198 16.10 -22.94 13.70
C ILE A 198 15.36 -21.59 13.74
N SER A 199 15.60 -20.78 14.80
CA SER A 199 14.92 -19.47 14.96
C SER A 199 15.94 -18.35 15.10
N LEU A 200 15.69 -17.20 14.42
CA LEU A 200 16.38 -15.92 14.69
C LEU A 200 15.40 -14.94 15.36
N HIS A 201 15.83 -14.21 16.43
CA HIS A 201 14.86 -13.38 17.17
C HIS A 201 15.49 -12.29 18.06
N ARG A 202 14.80 -11.14 18.19
CA ARG A 202 15.14 -10.12 19.22
C ARG A 202 14.92 -10.69 20.64
N TYR A 203 15.97 -10.61 21.50
CA TYR A 203 15.99 -11.24 22.83
C TYR A 203 16.16 -10.23 23.98
N GLU A 204 17.19 -9.36 23.92
CA GLU A 204 17.48 -8.35 24.97
C GLU A 204 17.56 -8.96 26.39
N ASP A 205 18.35 -10.03 26.52
CA ASP A 205 18.63 -10.69 27.82
C ASP A 205 17.35 -11.15 28.51
N GLY A 206 16.34 -11.53 27.72
CA GLY A 206 15.09 -12.02 28.26
C GLY A 206 13.98 -11.01 28.48
N ALA A 207 14.14 -9.75 28.07
CA ALA A 207 13.17 -8.68 28.32
C ALA A 207 12.16 -8.42 27.18
N PHE A 208 12.34 -9.00 25.98
CA PHE A 208 11.42 -8.83 24.85
C PHE A 208 10.41 -9.99 24.82
N PHE A 209 9.16 -9.73 24.35
CA PHE A 209 8.14 -10.79 24.29
C PHE A 209 8.66 -12.01 23.51
N PRO A 210 8.46 -13.27 24.01
CA PRO A 210 7.62 -13.68 25.17
C PRO A 210 8.29 -13.84 26.58
N ASN A 211 9.43 -13.18 26.81
CA ASN A 211 9.92 -12.90 28.18
C ASN A 211 10.46 -14.14 28.91
N SER A 212 11.07 -15.13 28.20
CA SER A 212 11.61 -16.36 28.82
C SER A 212 13.06 -16.67 28.40
N GLU A 213 13.87 -17.18 29.36
CA GLU A 213 15.24 -17.63 29.04
C GLU A 213 15.27 -18.93 28.22
N ASP A 214 14.12 -19.57 27.92
CA ASP A 214 14.11 -20.70 26.99
C ASP A 214 14.62 -20.31 25.60
N ALA A 215 14.64 -19.01 25.25
CA ALA A 215 15.04 -18.54 23.91
C ALA A 215 16.55 -18.28 23.75
N ASN A 216 17.40 -18.54 24.77
CA ASN A 216 18.84 -18.25 24.67
C ASN A 216 19.59 -19.37 23.90
N TYR A 217 20.86 -19.08 23.52
CA TYR A 217 21.64 -19.96 22.64
C TYR A 217 22.03 -21.31 23.27
N ASP A 218 21.96 -21.45 24.60
CA ASP A 218 22.40 -22.68 25.25
C ASP A 218 21.32 -23.75 25.37
N LYS A 219 20.11 -23.51 24.85
CA LYS A 219 19.03 -24.50 24.78
C LYS A 219 19.15 -25.24 23.43
N VAL A 220 19.70 -26.46 23.45
CA VAL A 220 20.13 -27.20 22.24
C VAL A 220 19.27 -28.44 21.94
N GLY A 221 18.25 -28.76 22.75
CA GLY A 221 17.46 -29.97 22.61
C GLY A 221 17.66 -30.93 23.80
N LEU A 222 16.74 -31.92 23.89
CA LEU A 222 16.73 -32.94 24.96
C LEU A 222 16.82 -34.37 24.42
N GLY A 223 17.45 -35.28 25.18
CA GLY A 223 17.41 -36.68 24.77
C GLY A 223 18.06 -36.94 23.41
N LYS A 224 17.44 -37.82 22.60
CA LYS A 224 17.91 -38.03 21.23
C LYS A 224 17.76 -36.79 20.37
N GLY A 225 17.05 -35.76 20.86
CA GLY A 225 17.00 -34.47 20.18
C GLY A 225 18.15 -33.49 20.42
N ARG A 226 19.17 -33.88 21.21
CA ARG A 226 20.32 -32.97 21.42
C ARG A 226 21.01 -32.67 20.09
N GLY A 227 21.15 -31.37 19.79
CA GLY A 227 21.68 -30.88 18.54
C GLY A 227 20.63 -30.39 17.54
N TYR A 228 19.36 -30.73 17.72
CA TYR A 228 18.35 -30.42 16.69
C TYR A 228 17.46 -29.22 17.05
N ASN A 229 17.91 -28.35 17.97
CA ASN A 229 17.25 -27.06 18.28
C ASN A 229 18.31 -25.96 18.27
N VAL A 230 18.16 -24.93 17.40
CA VAL A 230 19.17 -23.87 17.20
C VAL A 230 18.55 -22.46 17.37
N ASN A 231 18.91 -21.76 18.47
CA ASN A 231 18.46 -20.39 18.79
C ASN A 231 19.57 -19.35 18.51
N ILE A 232 19.24 -18.33 17.70
CA ILE A 232 20.12 -17.20 17.35
C ILE A 232 19.54 -15.90 17.94
N PRO A 233 19.97 -15.48 19.17
CA PRO A 233 19.34 -14.33 19.89
C PRO A 233 20.08 -12.98 19.72
N TRP A 234 19.37 -11.88 19.38
CA TRP A 234 19.97 -10.55 19.19
C TRP A 234 19.82 -9.65 20.44
N ASN A 235 20.90 -8.93 20.80
CA ASN A 235 20.94 -8.00 21.94
C ASN A 235 21.57 -6.66 21.55
N GLY A 236 21.00 -5.55 22.08
CA GLY A 236 21.59 -4.22 21.95
C GLY A 236 21.96 -3.69 20.58
N GLY A 237 21.01 -3.69 19.65
CA GLY A 237 21.32 -3.28 18.28
C GLY A 237 20.14 -3.38 17.33
N LYS A 238 20.03 -2.44 16.38
CA LYS A 238 18.93 -2.41 15.41
C LYS A 238 19.37 -3.19 14.16
N MET A 239 19.03 -4.47 14.12
CA MET A 239 19.66 -5.36 13.14
C MET A 239 18.95 -5.23 11.78
N GLY A 240 19.70 -5.54 10.69
CA GLY A 240 19.23 -5.45 9.30
C GLY A 240 19.86 -6.45 8.31
N ASP A 241 19.84 -6.13 7.00
CA ASP A 241 20.38 -7.07 5.99
C ASP A 241 21.78 -7.60 6.31
N PRO A 242 22.78 -6.79 6.72
CA PRO A 242 24.14 -7.37 6.91
C PRO A 242 24.20 -8.48 7.98
N GLU A 243 23.51 -8.30 9.10
CA GLU A 243 23.52 -9.28 10.20
C GLU A 243 22.74 -10.54 9.83
N TYR A 244 21.62 -10.41 9.09
CA TYR A 244 20.87 -11.60 8.67
C TYR A 244 21.63 -12.38 7.59
N MET A 245 22.33 -11.71 6.65
CA MET A 245 23.13 -12.46 5.67
C MET A 245 24.30 -13.21 6.34
N ALA A 246 24.96 -12.55 7.30
CA ALA A 246 26.04 -13.19 8.07
C ALA A 246 25.57 -14.44 8.81
N ALA A 247 24.38 -14.38 9.43
CA ALA A 247 23.85 -15.54 10.16
C ALA A 247 23.56 -16.72 9.23
N PHE A 248 23.06 -16.44 8.02
CA PHE A 248 22.78 -17.52 7.06
C PHE A 248 24.09 -18.17 6.57
N HIS A 249 25.14 -17.37 6.33
CA HIS A 249 26.39 -17.89 5.77
C HIS A 249 27.15 -18.75 6.78
N HIS A 250 27.20 -18.34 8.06
CA HIS A 250 28.01 -19.04 9.06
C HIS A 250 27.28 -20.13 9.83
N LEU A 251 25.94 -20.08 9.90
CA LEU A 251 25.16 -20.99 10.76
C LEU A 251 24.01 -21.69 10.01
N VAL A 252 23.02 -20.93 9.47
CA VAL A 252 21.79 -21.57 8.96
C VAL A 252 22.11 -22.55 7.82
N MET A 253 22.83 -22.09 6.79
CA MET A 253 23.02 -22.94 5.59
C MET A 253 24.01 -24.11 5.82
N PRO A 254 25.10 -23.96 6.58
CA PRO A 254 25.95 -25.17 6.82
C PRO A 254 25.24 -26.29 7.60
N ILE A 255 24.49 -25.94 8.66
CA ILE A 255 23.73 -26.93 9.43
C ILE A 255 22.64 -27.57 8.57
N ALA A 256 21.90 -26.76 7.80
CA ALA A 256 20.84 -27.28 6.95
C ALA A 256 21.36 -28.28 5.91
N ARG A 257 22.51 -28.00 5.28
N ARG A 257 22.49 -27.99 5.27
CA ARG A 257 23.04 -28.91 4.26
CA ARG A 257 23.02 -28.92 4.27
C ARG A 257 23.47 -30.25 4.86
C ARG A 257 23.41 -30.25 4.89
N GLU A 258 24.04 -30.23 6.07
CA GLU A 258 24.45 -31.49 6.72
C GLU A 258 23.24 -32.35 7.10
N PHE A 259 22.12 -31.72 7.55
CA PHE A 259 20.87 -32.42 7.90
C PHE A 259 20.18 -33.01 6.67
N ALA A 260 20.32 -32.35 5.51
CA ALA A 260 19.73 -32.80 4.24
C ALA A 260 18.22 -33.03 4.29
N PRO A 261 17.42 -31.98 4.53
CA PRO A 261 15.95 -32.14 4.62
C PRO A 261 15.29 -32.57 3.32
N GLU A 262 14.11 -33.21 3.46
CA GLU A 262 13.23 -33.58 2.35
C GLU A 262 12.06 -32.59 2.14
N LEU A 263 11.79 -31.70 3.10
CA LEU A 263 10.79 -30.62 2.97
C LEU A 263 11.18 -29.44 3.87
N VAL A 264 10.99 -28.19 3.39
CA VAL A 264 11.31 -26.95 4.14
C VAL A 264 10.00 -26.15 4.37
N LEU A 265 9.67 -25.87 5.64
CA LEU A 265 8.58 -24.95 6.00
C LEU A 265 9.15 -23.65 6.56
N VAL A 266 8.70 -22.48 6.06
CA VAL A 266 9.12 -21.18 6.64
C VAL A 266 8.00 -20.58 7.51
N SER A 267 8.29 -20.36 8.81
CA SER A 267 7.41 -19.59 9.70
C SER A 267 7.77 -18.13 9.39
N ALA A 268 7.09 -17.55 8.38
CA ALA A 268 7.50 -16.29 7.74
C ALA A 268 6.66 -15.11 8.28
N GLY A 269 7.02 -14.64 9.49
CA GLY A 269 6.58 -13.30 9.92
C GLY A 269 7.40 -12.22 9.22
N PHE A 270 6.76 -11.04 8.99
CA PHE A 270 7.43 -9.89 8.38
C PHE A 270 7.51 -8.71 9.37
N ASP A 271 7.65 -9.02 10.69
CA ASP A 271 7.83 -7.98 11.72
C ASP A 271 9.30 -7.62 12.05
N ALA A 272 10.32 -8.22 11.40
CA ALA A 272 11.69 -7.65 11.39
C ALA A 272 11.93 -6.63 10.27
N ALA A 273 10.89 -6.24 9.52
CA ALA A 273 11.04 -5.35 8.37
C ALA A 273 11.17 -3.86 8.75
N ARG A 274 11.89 -3.11 7.90
N ARG A 274 11.88 -3.10 7.90
CA ARG A 274 11.93 -1.65 8.02
CA ARG A 274 11.92 -1.64 8.00
C ARG A 274 10.51 -1.09 8.06
C ARG A 274 10.50 -1.08 8.05
N GLY A 275 10.23 -0.27 9.09
CA GLY A 275 8.91 0.32 9.31
C GLY A 275 7.97 -0.39 10.31
N ASP A 276 8.32 -1.57 10.84
CA ASP A 276 7.35 -2.30 11.71
C ASP A 276 7.25 -1.63 13.08
N PRO A 277 6.03 -1.39 13.60
CA PRO A 277 5.90 -0.67 14.88
C PRO A 277 6.21 -1.50 16.12
N LEU A 278 6.18 -2.83 16.05
CA LEU A 278 6.54 -3.70 17.19
C LEU A 278 8.02 -4.12 17.18
N GLY A 279 8.60 -4.42 16.01
CA GLY A 279 9.97 -4.93 15.94
C GLY A 279 11.13 -3.94 16.07
N GLY A 280 11.02 -2.79 15.40
CA GLY A 280 12.10 -1.81 15.43
C GLY A 280 13.39 -2.18 14.71
N PHE A 281 13.36 -3.15 13.79
CA PHE A 281 14.51 -3.61 13.00
C PHE A 281 14.43 -3.08 11.54
N GLN A 282 15.42 -3.47 10.66
CA GLN A 282 15.55 -2.83 9.34
C GLN A 282 15.76 -3.77 8.12
N VAL A 283 15.32 -5.04 8.17
CA VAL A 283 15.40 -5.92 6.98
C VAL A 283 14.54 -5.35 5.82
N THR A 284 15.12 -5.37 4.51
CA THR A 284 14.50 -4.76 3.30
C THR A 284 13.77 -5.82 2.45
N PRO A 285 12.89 -5.40 1.51
CA PRO A 285 12.28 -6.41 0.61
C PRO A 285 13.32 -7.17 -0.21
N GLU A 286 14.41 -6.51 -0.62
CA GLU A 286 15.51 -7.19 -1.32
C GLU A 286 16.20 -8.21 -0.41
N GLY A 287 16.30 -7.90 0.90
CA GLY A 287 16.88 -8.86 1.84
C GLY A 287 16.07 -10.15 1.96
N TYR A 288 14.74 -10.02 2.08
CA TYR A 288 13.89 -11.23 2.14
C TYR A 288 13.97 -12.03 0.82
N ALA A 289 14.20 -11.36 -0.33
CA ALA A 289 14.35 -12.09 -1.60
C ALA A 289 15.62 -12.95 -1.59
N HIS A 290 16.71 -12.43 -1.03
CA HIS A 290 17.94 -13.22 -0.96
C HIS A 290 17.80 -14.40 0.03
N LEU A 291 17.10 -14.24 1.16
CA LEU A 291 16.91 -15.37 2.08
C LEU A 291 16.07 -16.50 1.42
N THR A 292 15.03 -16.13 0.67
CA THR A 292 14.19 -17.08 -0.08
C THR A 292 15.01 -17.86 -1.12
N HIS A 293 15.85 -17.15 -1.91
CA HIS A 293 16.65 -17.80 -2.97
C HIS A 293 17.65 -18.81 -2.40
N GLN A 294 18.22 -18.56 -1.20
CA GLN A 294 19.15 -19.51 -0.58
C GLN A 294 18.44 -20.81 -0.18
N LEU A 295 17.25 -20.71 0.43
CA LEU A 295 16.52 -21.91 0.86
C LEU A 295 15.99 -22.76 -0.32
N MET A 296 15.81 -22.17 -1.51
CA MET A 296 15.42 -22.93 -2.72
C MET A 296 16.47 -23.95 -3.17
N SER A 297 17.71 -23.89 -2.65
CA SER A 297 18.74 -24.87 -3.00
C SER A 297 18.65 -26.18 -2.21
N LEU A 298 17.76 -26.25 -1.20
CA LEU A 298 17.59 -27.43 -0.33
C LEU A 298 16.39 -28.28 -0.78
N ALA A 299 16.41 -29.58 -0.40
CA ALA A 299 15.22 -30.47 -0.47
C ALA A 299 14.64 -30.61 -1.89
N ALA A 300 15.52 -30.60 -2.90
CA ALA A 300 15.12 -30.66 -4.32
C ALA A 300 14.06 -29.60 -4.64
N GLY A 301 14.09 -28.48 -3.91
CA GLY A 301 13.22 -27.33 -4.16
C GLY A 301 11.88 -27.30 -3.43
N ARG A 302 11.59 -28.28 -2.56
CA ARG A 302 10.26 -28.41 -1.93
C ARG A 302 10.17 -27.42 -0.76
N VAL A 303 9.58 -26.22 -1.01
CA VAL A 303 9.55 -25.10 -0.03
C VAL A 303 8.11 -24.54 0.09
N LEU A 304 7.61 -24.38 1.34
CA LEU A 304 6.30 -23.75 1.64
C LEU A 304 6.44 -22.54 2.58
N ILE A 305 6.02 -21.35 2.12
CA ILE A 305 6.12 -20.10 2.93
C ILE A 305 4.77 -19.79 3.64
N ILE A 306 4.74 -19.75 5.00
CA ILE A 306 3.51 -19.61 5.84
C ILE A 306 3.52 -18.27 6.61
N LEU A 307 2.53 -17.36 6.36
CA LEU A 307 2.47 -16.08 7.11
C LEU A 307 2.34 -16.29 8.64
N GLU A 308 3.17 -15.57 9.43
CA GLU A 308 3.03 -15.47 10.90
C GLU A 308 2.68 -14.01 11.31
N GLY A 309 3.54 -13.26 12.03
CA GLY A 309 3.29 -11.86 12.37
C GLY A 309 3.71 -10.86 11.28
N GLY A 310 3.85 -9.55 11.66
CA GLY A 310 4.09 -8.41 10.75
C GLY A 310 2.93 -7.41 10.64
N TYR A 311 3.18 -6.11 10.94
CA TYR A 311 2.09 -5.16 11.29
C TYR A 311 2.08 -3.80 10.55
N ASN A 312 3.11 -3.45 9.75
CA ASN A 312 3.03 -2.28 8.84
C ASN A 312 2.44 -2.77 7.51
N LEU A 313 1.24 -2.29 7.14
CA LEU A 313 0.49 -2.91 6.03
C LEU A 313 1.23 -2.77 4.68
N THR A 314 1.82 -1.59 4.39
CA THR A 314 2.61 -1.44 3.16
C THR A 314 3.88 -2.31 3.16
N SER A 315 4.57 -2.42 4.32
CA SER A 315 5.81 -3.21 4.41
C SER A 315 5.56 -4.70 4.20
N ILE A 316 4.52 -5.28 4.84
CA ILE A 316 4.30 -6.72 4.67
C ILE A 316 3.84 -7.07 3.24
N SER A 317 3.07 -6.18 2.60
CA SER A 317 2.58 -6.44 1.22
C SER A 317 3.73 -6.49 0.21
N GLU A 318 4.69 -5.55 0.32
CA GLU A 318 5.84 -5.55 -0.59
C GLU A 318 6.79 -6.71 -0.27
N SER A 319 6.96 -7.05 1.03
CA SER A 319 7.94 -8.07 1.41
C SER A 319 7.49 -9.49 1.01
N MET A 320 6.22 -9.86 1.29
CA MET A 320 5.77 -11.20 0.89
C MET A 320 5.66 -11.34 -0.64
N SER A 321 5.33 -10.26 -1.37
CA SER A 321 5.23 -10.36 -2.85
C SER A 321 6.60 -10.66 -3.47
N MET A 322 7.67 -10.06 -2.92
N MET A 322 7.65 -10.08 -2.89
CA MET A 322 9.01 -10.35 -3.43
CA MET A 322 9.00 -10.32 -3.38
C MET A 322 9.40 -11.81 -3.23
C MET A 322 9.42 -11.78 -3.20
N CYS A 323 8.96 -12.43 -2.12
CA CYS A 323 9.25 -13.86 -1.91
C CYS A 323 8.58 -14.74 -2.98
N THR A 324 7.30 -14.44 -3.32
CA THR A 324 6.59 -15.19 -4.37
C THR A 324 7.30 -15.06 -5.74
N SER A 325 7.75 -13.84 -6.08
CA SER A 325 8.53 -13.65 -7.31
C SER A 325 9.78 -14.53 -7.38
N MET A 326 10.50 -14.70 -6.24
CA MET A 326 11.65 -15.62 -6.23
C MET A 326 11.25 -17.08 -6.49
N LEU A 327 10.16 -17.56 -5.87
CA LEU A 327 9.73 -18.96 -6.07
C LEU A 327 9.35 -19.26 -7.52
N LEU A 328 8.79 -18.26 -8.22
CA LEU A 328 8.46 -18.38 -9.65
C LEU A 328 9.69 -18.39 -10.56
N GLY A 329 10.88 -18.11 -10.05
CA GLY A 329 12.10 -18.15 -10.84
C GLY A 329 12.71 -16.82 -11.31
N ASP A 330 12.18 -15.66 -10.86
CA ASP A 330 12.72 -14.37 -11.29
C ASP A 330 14.13 -14.13 -10.71
N SER A 331 14.93 -13.28 -11.39
CA SER A 331 16.31 -13.03 -10.96
CA SER A 331 16.30 -13.04 -10.95
C SER A 331 16.33 -12.17 -9.68
N PRO A 332 17.19 -12.51 -8.71
CA PRO A 332 17.22 -11.73 -7.43
C PRO A 332 17.75 -10.32 -7.62
N PRO A 333 17.13 -9.33 -6.97
CA PRO A 333 17.61 -7.94 -7.04
C PRO A 333 18.83 -7.71 -6.16
N SER A 334 19.62 -6.70 -6.54
CA SER A 334 20.85 -6.42 -5.79
C SER A 334 20.57 -5.73 -4.45
N LEU A 335 21.44 -6.00 -3.48
CA LEU A 335 21.38 -5.42 -2.13
C LEU A 335 22.13 -4.08 -2.08
N ASP A 336 22.08 -3.42 -0.93
CA ASP A 336 22.87 -2.19 -0.71
C ASP A 336 24.37 -2.52 -0.64
N HIS A 337 25.20 -1.47 -0.64
N HIS A 337 25.20 -1.48 -0.63
CA HIS A 337 26.64 -1.62 -0.62
CA HIS A 337 26.64 -1.67 -0.67
C HIS A 337 27.12 -2.25 0.69
C HIS A 337 27.16 -2.18 0.69
N LEU A 338 28.28 -2.91 0.64
CA LEU A 338 28.88 -3.54 1.84
C LEU A 338 29.19 -2.54 2.96
N THR A 339 28.94 -2.94 4.22
CA THR A 339 29.16 -2.10 5.39
C THR A 339 29.43 -2.98 6.63
N PRO A 340 30.13 -2.45 7.67
CA PRO A 340 30.49 -3.31 8.82
C PRO A 340 29.29 -3.82 9.63
N LEU A 341 29.39 -5.05 10.13
CA LEU A 341 28.40 -5.56 11.09
C LEU A 341 28.50 -4.81 12.42
N LYS A 342 27.39 -4.79 13.15
CA LYS A 342 27.40 -4.25 14.51
C LYS A 342 28.10 -5.19 15.47
N THR A 343 28.83 -4.64 16.46
CA THR A 343 29.69 -5.48 17.29
C THR A 343 28.89 -6.54 18.06
N SER A 344 27.73 -6.18 18.63
CA SER A 344 26.98 -7.15 19.42
C SER A 344 26.47 -8.33 18.59
N ALA A 345 26.27 -8.14 17.28
CA ALA A 345 25.83 -9.24 16.42
C ALA A 345 26.92 -10.29 16.23
N THR A 346 28.18 -9.86 16.12
CA THR A 346 29.29 -10.83 16.07
C THR A 346 29.43 -11.62 17.37
N VAL A 347 29.15 -10.99 18.52
CA VAL A 347 29.18 -11.70 19.81
C VAL A 347 28.12 -12.80 19.83
N SER A 348 26.90 -12.49 19.36
CA SER A 348 25.83 -13.49 19.28
C SER A 348 26.21 -14.66 18.36
N ILE A 349 26.74 -14.38 17.16
CA ILE A 349 27.09 -15.47 16.24
C ILE A 349 28.17 -16.38 16.83
N ASN A 350 29.17 -15.82 17.52
CA ASN A 350 30.23 -16.63 18.15
C ASN A 350 29.70 -17.52 19.29
N ASN A 351 28.73 -17.02 20.08
CA ASN A 351 28.16 -17.84 21.16
C ASN A 351 27.40 -19.06 20.61
N VAL A 352 26.69 -18.92 19.48
CA VAL A 352 25.97 -20.07 18.89
C VAL A 352 26.95 -21.10 18.31
N LEU A 353 28.00 -20.63 17.63
CA LEU A 353 29.01 -21.55 17.09
C LEU A 353 29.67 -22.37 18.20
N ARG A 354 29.94 -21.77 19.36
CA ARG A 354 30.55 -22.54 20.45
C ARG A 354 29.60 -23.58 21.04
N ALA A 355 28.29 -23.31 21.01
CA ALA A 355 27.32 -24.25 21.56
C ALA A 355 27.06 -25.45 20.64
N HIS A 356 27.11 -25.26 19.31
CA HIS A 356 26.69 -26.32 18.39
C HIS A 356 27.86 -27.04 17.70
N ALA A 357 29.09 -26.54 17.84
CA ALA A 357 30.26 -27.22 17.29
C ALA A 357 30.43 -28.69 17.73
N PRO A 358 30.04 -29.08 18.95
CA PRO A 358 30.13 -30.53 19.29
C PRO A 358 29.23 -31.42 18.46
N PHE A 359 28.16 -30.88 17.86
CA PHE A 359 27.13 -31.69 17.21
C PHE A 359 27.19 -31.68 15.68
N TRP A 360 27.86 -30.72 15.04
CA TRP A 360 27.81 -30.53 13.58
C TRP A 360 29.22 -30.40 13.02
N SER A 361 29.68 -31.39 12.26
CA SER A 361 31.08 -31.38 11.81
C SER A 361 31.37 -30.25 10.82
N SER A 362 30.37 -29.73 10.10
CA SER A 362 30.63 -28.63 9.18
C SER A 362 31.04 -27.33 9.89
N LEU A 363 30.88 -27.25 11.21
CA LEU A 363 31.27 -26.08 11.99
C LEU A 363 32.65 -26.22 12.65
N ARG A 364 33.21 -27.42 12.70
CA ARG A 364 34.51 -27.58 13.36
C ARG A 364 35.63 -27.87 12.36
N ILE B 9 5.21 26.48 7.54
CA ILE B 9 4.19 25.52 7.95
C ILE B 9 3.34 25.01 6.75
N THR B 10 3.06 23.71 6.72
CA THR B 10 2.25 23.05 5.68
C THR B 10 0.94 22.56 6.30
N GLY B 11 -0.24 22.95 5.69
CA GLY B 11 -1.53 22.44 6.13
C GLY B 11 -1.95 21.12 5.44
N LEU B 12 -2.90 20.39 6.07
CA LEU B 12 -3.49 19.14 5.55
C LEU B 12 -4.97 19.02 5.95
N VAL B 13 -5.87 18.66 5.00
CA VAL B 13 -7.30 18.42 5.28
C VAL B 13 -7.75 17.04 4.77
N TYR B 14 -8.48 16.29 5.61
CA TYR B 14 -9.02 14.93 5.33
C TYR B 14 -10.23 14.66 6.24
N ASP B 15 -11.29 14.02 5.70
CA ASP B 15 -12.43 13.60 6.55
C ASP B 15 -13.03 12.28 6.05
N GLN B 16 -13.16 11.28 6.95
CA GLN B 16 -13.62 9.96 6.51
C GLN B 16 -15.08 9.94 6.06
N ARG B 17 -15.87 10.99 6.36
CA ARG B 17 -17.24 11.05 5.88
C ARG B 17 -17.34 11.08 4.36
N MET B 18 -16.29 11.52 3.65
CA MET B 18 -16.28 11.52 2.18
C MET B 18 -16.25 10.09 1.57
N MET B 19 -16.04 9.05 2.39
CA MET B 19 -16.09 7.66 1.96
C MET B 19 -17.50 7.16 1.68
N LEU B 20 -18.57 7.89 2.10
CA LEU B 20 -19.92 7.34 2.10
C LEU B 20 -20.60 7.31 0.71
N HIS B 21 -20.15 8.13 -0.25
CA HIS B 21 -20.54 8.02 -1.65
C HIS B 21 -20.06 6.68 -2.26
N HIS B 22 -20.97 5.89 -2.82
CA HIS B 22 -20.64 4.54 -3.31
C HIS B 22 -21.58 4.10 -4.46
N ASN B 23 -21.18 3.01 -5.15
CA ASN B 23 -21.87 2.49 -6.34
C ASN B 23 -22.62 1.21 -5.94
N MET B 24 -23.95 1.31 -5.82
CA MET B 24 -24.71 0.18 -5.31
C MET B 24 -24.98 -0.92 -6.34
N TRP B 25 -24.68 -0.69 -7.63
CA TRP B 25 -24.87 -1.75 -8.61
C TRP B 25 -23.58 -2.44 -9.04
N ASP B 26 -22.41 -1.90 -8.70
CA ASP B 26 -21.11 -2.51 -9.05
C ASP B 26 -20.09 -2.04 -7.99
N SER B 27 -19.90 -2.89 -6.97
CA SER B 27 -19.02 -2.52 -5.85
C SER B 27 -17.54 -2.50 -6.23
N HIS B 28 -17.19 -2.89 -7.47
CA HIS B 28 -15.81 -2.88 -7.95
C HIS B 28 -15.49 -1.71 -8.89
N HIS B 29 -16.42 -0.78 -9.11
CA HIS B 29 -16.18 0.40 -9.93
C HIS B 29 -14.91 1.12 -9.44
N PRO B 30 -14.03 1.58 -10.35
CA PRO B 30 -12.68 2.01 -9.92
C PRO B 30 -12.62 3.27 -9.03
N GLU B 31 -13.67 4.13 -9.00
CA GLU B 31 -13.66 5.34 -8.15
C GLU B 31 -14.13 4.92 -6.74
N LEU B 32 -13.16 4.28 -5.96
CA LEU B 32 -13.48 3.56 -4.70
C LEU B 32 -13.42 4.47 -3.46
N PRO B 33 -14.28 4.19 -2.47
CA PRO B 33 -14.15 4.87 -1.16
C PRO B 33 -12.74 4.84 -0.56
N GLN B 34 -12.04 3.71 -0.65
CA GLN B 34 -10.73 3.58 -0.01
C GLN B 34 -9.59 4.30 -0.75
N ARG B 35 -9.86 4.99 -1.88
CA ARG B 35 -8.84 5.87 -2.46
C ARG B 35 -8.32 6.88 -1.42
N ILE B 36 -9.21 7.53 -0.65
CA ILE B 36 -8.77 8.60 0.25
C ILE B 36 -8.20 8.05 1.58
N SER B 37 -8.75 6.96 2.12
CA SER B 37 -8.20 6.40 3.37
C SER B 37 -6.83 5.74 3.16
N ARG B 38 -6.55 5.18 1.96
CA ARG B 38 -5.21 4.64 1.69
C ARG B 38 -4.15 5.74 1.63
N ILE B 39 -4.47 6.88 0.98
CA ILE B 39 -3.51 8.00 0.95
C ILE B 39 -3.23 8.50 2.38
N PHE B 40 -4.28 8.62 3.23
CA PHE B 40 -4.10 9.10 4.62
C PHE B 40 -3.23 8.12 5.42
N SER B 41 -3.47 6.82 5.27
N SER B 41 -3.46 6.81 5.26
CA SER B 41 -2.69 5.81 6.02
CA SER B 41 -2.70 5.80 6.02
C SER B 41 -1.20 5.89 5.69
C SER B 41 -1.20 5.84 5.68
N ARG B 42 -0.85 6.10 4.41
CA ARG B 42 0.56 6.21 4.03
C ARG B 42 1.23 7.44 4.65
N HIS B 43 0.49 8.55 4.79
CA HIS B 43 1.03 9.73 5.48
C HIS B 43 1.34 9.42 6.97
N GLU B 44 0.53 8.57 7.63
CA GLU B 44 0.84 8.12 9.00
C GLU B 44 2.09 7.21 9.06
N GLU B 45 2.21 6.24 8.14
CA GLU B 45 3.36 5.31 8.15
C GLU B 45 4.69 6.04 7.98
N LEU B 46 4.74 7.07 7.10
CA LEU B 46 5.95 7.85 6.82
C LEU B 46 6.23 8.98 7.83
N ARG B 47 5.38 9.15 8.84
CA ARG B 47 5.56 10.17 9.90
C ARG B 47 5.42 11.60 9.37
N LEU B 48 4.68 11.78 8.27
CA LEU B 48 4.45 13.13 7.73
C LEU B 48 3.32 13.88 8.45
N LEU B 49 2.32 13.16 8.97
CA LEU B 49 1.13 13.82 9.51
C LEU B 49 1.47 14.70 10.71
N SER B 50 2.37 14.23 11.60
CA SER B 50 2.74 15.00 12.79
C SER B 50 3.57 16.25 12.48
N ARG B 51 4.08 16.40 11.25
CA ARG B 51 4.82 17.58 10.84
C ARG B 51 3.93 18.68 10.25
N CYS B 52 2.63 18.44 10.05
CA CYS B 52 1.68 19.36 9.40
C CYS B 52 0.69 19.94 10.41
N HIS B 53 0.03 21.06 10.04
CA HIS B 53 -1.08 21.66 10.80
C HIS B 53 -2.41 21.17 10.21
N ARG B 54 -3.24 20.52 11.03
CA ARG B 54 -4.53 19.97 10.57
C ARG B 54 -5.61 21.05 10.40
N ILE B 55 -6.16 21.16 9.20
CA ILE B 55 -7.22 22.11 8.86
C ILE B 55 -8.57 21.37 8.84
N PRO B 56 -9.63 21.91 9.44
CA PRO B 56 -10.91 21.17 9.49
C PRO B 56 -11.72 21.25 8.20
N ALA B 57 -12.45 20.16 7.91
CA ALA B 57 -13.42 20.15 6.80
C ALA B 57 -14.71 20.90 7.19
N ARG B 58 -15.46 21.35 6.16
CA ARG B 58 -16.79 21.97 6.30
C ARG B 58 -17.59 21.81 5.02
N LEU B 59 -18.92 22.04 5.10
CA LEU B 59 -19.79 22.06 3.92
C LEU B 59 -19.73 23.40 3.18
N ALA B 60 -19.67 23.33 1.85
CA ALA B 60 -19.95 24.51 1.02
C ALA B 60 -21.43 24.88 1.10
N THR B 61 -21.74 26.19 0.99
CA THR B 61 -23.12 26.67 0.97
C THR B 61 -23.65 26.79 -0.46
N GLU B 62 -24.99 26.82 -0.59
CA GLU B 62 -25.60 27.00 -1.90
C GLU B 62 -25.22 28.34 -2.54
N GLU B 63 -25.10 29.41 -1.72
CA GLU B 63 -24.60 30.69 -2.23
C GLU B 63 -23.21 30.56 -2.86
N GLU B 64 -22.33 29.76 -2.24
CA GLU B 64 -20.98 29.57 -2.75
C GLU B 64 -20.98 28.77 -4.07
N LEU B 65 -21.83 27.74 -4.18
CA LEU B 65 -21.91 26.97 -5.42
C LEU B 65 -22.37 27.83 -6.61
N ALA B 66 -23.12 28.91 -6.36
CA ALA B 66 -23.58 29.76 -7.46
C ALA B 66 -22.48 30.66 -8.01
N LEU B 67 -21.28 30.65 -7.43
CA LEU B 67 -20.17 31.35 -8.06
C LEU B 67 -19.87 30.80 -9.47
N CYS B 68 -20.14 29.50 -9.71
CA CYS B 68 -19.87 28.86 -11.02
C CYS B 68 -21.05 28.05 -11.62
N HIS B 69 -22.08 27.69 -10.86
CA HIS B 69 -23.12 26.76 -11.32
C HIS B 69 -24.50 27.42 -11.32
N SER B 70 -25.40 26.90 -12.17
CA SER B 70 -26.75 27.46 -12.36
C SER B 70 -27.72 26.94 -11.28
N SER B 71 -28.80 27.72 -11.05
CA SER B 71 -29.76 27.33 -10.01
CA SER B 71 -29.76 27.33 -10.02
C SER B 71 -30.42 26.00 -10.32
N LYS B 72 -30.68 25.73 -11.61
CA LYS B 72 -31.30 24.46 -12.00
C LYS B 72 -30.39 23.28 -11.64
N HIS B 73 -29.09 23.36 -12.00
CA HIS B 73 -28.16 22.26 -11.74
C HIS B 73 -28.05 21.98 -10.24
N ILE B 74 -27.88 23.02 -9.43
CA ILE B 74 -27.78 22.84 -7.98
C ILE B 74 -29.02 22.13 -7.43
N SER B 75 -30.20 22.44 -7.99
N SER B 75 -30.20 22.44 -7.99
CA SER B 75 -31.45 21.93 -7.42
CA SER B 75 -31.43 21.93 -7.40
C SER B 75 -31.65 20.46 -7.74
C SER B 75 -31.68 20.47 -7.75
N ILE B 76 -31.29 20.03 -8.95
CA ILE B 76 -31.47 18.63 -9.33
C ILE B 76 -30.54 17.72 -8.50
N ILE B 77 -29.28 18.10 -8.31
CA ILE B 77 -28.37 17.23 -7.56
C ILE B 77 -28.77 17.20 -6.08
N LYS B 78 -29.25 18.32 -5.54
CA LYS B 78 -29.73 18.34 -4.15
C LYS B 78 -30.91 17.38 -3.95
N SER B 79 -31.76 17.20 -4.96
CA SER B 79 -32.95 16.37 -4.81
C SER B 79 -32.62 14.88 -4.68
N SER B 80 -31.45 14.42 -5.15
CA SER B 80 -31.17 12.99 -5.07
C SER B 80 -30.98 12.49 -3.64
N GLU B 81 -30.88 13.40 -2.67
CA GLU B 81 -30.66 13.02 -1.28
C GLU B 81 -31.78 12.13 -0.74
N HIS B 82 -33.01 12.29 -1.26
CA HIS B 82 -34.18 11.58 -0.75
C HIS B 82 -34.86 10.73 -1.83
N MET B 83 -34.10 10.15 -2.75
CA MET B 83 -34.62 9.35 -3.85
C MET B 83 -34.54 7.85 -3.52
N LYS B 84 -35.47 7.09 -4.08
CA LYS B 84 -35.46 5.63 -3.98
C LYS B 84 -34.50 5.04 -5.00
N PRO B 85 -34.03 3.80 -4.77
CA PRO B 85 -32.99 3.23 -5.66
C PRO B 85 -33.31 3.30 -7.14
N ARG B 86 -34.55 2.98 -7.55
CA ARG B 86 -34.86 2.95 -8.98
C ARG B 86 -34.79 4.34 -9.61
N ASP B 87 -35.07 5.39 -8.84
CA ASP B 87 -34.95 6.75 -9.37
C ASP B 87 -33.51 7.25 -9.38
N LEU B 88 -32.68 6.84 -8.41
CA LEU B 88 -31.25 7.16 -8.46
C LEU B 88 -30.60 6.55 -9.71
N ASN B 89 -31.02 5.33 -10.06
CA ASN B 89 -30.52 4.68 -11.28
C ASN B 89 -30.95 5.43 -12.53
N ARG B 90 -32.16 5.99 -12.53
CA ARG B 90 -32.64 6.70 -13.72
C ARG B 90 -31.92 8.03 -13.91
N LEU B 91 -31.71 8.78 -12.82
CA LEU B 91 -31.08 10.09 -12.96
C LEU B 91 -29.61 9.96 -13.37
N GLY B 92 -28.89 9.00 -12.78
CA GLY B 92 -27.50 8.80 -13.15
C GLY B 92 -27.30 8.52 -14.63
N ASP B 93 -28.22 7.73 -15.22
CA ASP B 93 -28.11 7.36 -16.63
C ASP B 93 -28.36 8.53 -17.57
N GLU B 94 -28.83 9.67 -17.05
CA GLU B 94 -29.02 10.86 -17.89
C GLU B 94 -27.72 11.58 -18.22
N TYR B 95 -26.61 11.28 -17.52
CA TYR B 95 -25.34 11.95 -17.74
C TYR B 95 -24.32 10.99 -18.35
N ASN B 96 -23.19 11.54 -18.80
CA ASN B 96 -22.05 10.75 -19.31
C ASN B 96 -21.20 10.26 -18.13
N SER B 97 -21.24 8.94 -17.85
CA SER B 97 -20.37 8.24 -16.87
C SER B 97 -20.52 8.77 -15.44
N ILE B 98 -21.70 8.57 -14.84
CA ILE B 98 -22.00 9.01 -13.47
C ILE B 98 -22.79 7.92 -12.73
N PHE B 99 -22.43 7.67 -11.44
CA PHE B 99 -23.24 6.88 -10.49
C PHE B 99 -23.59 7.74 -9.25
N ILE B 100 -24.79 7.52 -8.66
CA ILE B 100 -25.33 8.37 -7.58
C ILE B 100 -25.92 7.49 -6.44
N SER B 101 -25.65 7.87 -5.18
CA SER B 101 -26.26 7.28 -3.97
C SER B 101 -26.83 8.40 -3.09
N ASN B 102 -27.54 8.04 -1.99
CA ASN B 102 -28.17 9.07 -1.15
C ASN B 102 -27.16 9.99 -0.48
N GLU B 103 -25.89 9.57 -0.38
CA GLU B 103 -24.85 10.35 0.29
C GLU B 103 -24.03 11.23 -0.69
N SER B 104 -24.28 11.15 -2.01
CA SER B 104 -23.40 11.80 -2.98
C SER B 104 -23.38 13.33 -2.84
N TYR B 105 -24.55 13.96 -2.67
CA TYR B 105 -24.61 15.42 -2.59
C TYR B 105 -23.80 15.95 -1.41
N THR B 106 -23.96 15.33 -0.23
CA THR B 106 -23.22 15.75 0.96
C THR B 106 -21.70 15.62 0.76
N CYS B 107 -21.23 14.53 0.14
CA CYS B 107 -19.79 14.34 -0.03
C CYS B 107 -19.20 15.37 -1.02
N ALA B 108 -19.93 15.76 -2.07
CA ALA B 108 -19.45 16.80 -2.99
C ALA B 108 -19.36 18.17 -2.31
N LEU B 109 -20.30 18.48 -1.41
CA LEU B 109 -20.20 19.74 -0.65
C LEU B 109 -19.00 19.75 0.30
N LEU B 110 -18.66 18.60 0.93
CA LEU B 110 -17.50 18.54 1.83
C LEU B 110 -16.17 18.69 1.08
N ALA B 111 -16.07 18.15 -0.14
CA ALA B 111 -14.85 18.32 -0.94
C ALA B 111 -14.57 19.79 -1.26
N ALA B 112 -15.63 20.55 -1.66
CA ALA B 112 -15.45 21.98 -1.97
C ALA B 112 -15.18 22.82 -0.72
N GLY B 113 -15.95 22.63 0.36
CA GLY B 113 -15.71 23.38 1.60
C GLY B 113 -14.32 23.17 2.22
N SER B 114 -13.80 21.93 2.16
CA SER B 114 -12.44 21.65 2.64
C SER B 114 -11.38 22.50 1.92
N CYS B 115 -11.52 22.69 0.59
CA CYS B 115 -10.57 23.48 -0.17
C CYS B 115 -10.74 24.99 0.06
N PHE B 116 -11.96 25.49 0.34
CA PHE B 116 -12.13 26.90 0.70
C PHE B 116 -11.41 27.23 2.02
N ASN B 117 -11.60 26.40 3.06
CA ASN B 117 -10.85 26.58 4.31
C ASN B 117 -9.33 26.57 4.08
N SER B 118 -8.82 25.70 3.17
CA SER B 118 -7.38 25.66 2.93
C SER B 118 -6.88 26.93 2.23
N ALA B 119 -7.63 27.45 1.25
CA ALA B 119 -7.21 28.68 0.58
C ALA B 119 -7.21 29.87 1.53
N GLN B 120 -8.19 29.94 2.43
CA GLN B 120 -8.23 31.03 3.43
C GLN B 120 -7.02 30.98 4.37
N ALA B 121 -6.57 29.76 4.74
CA ALA B 121 -5.43 29.69 5.66
C ALA B 121 -4.14 30.16 4.99
N ILE B 122 -3.97 29.89 3.70
CA ILE B 122 -2.80 30.38 2.95
C ILE B 122 -2.84 31.90 2.81
N LEU B 123 -3.99 32.46 2.40
CA LEU B 123 -4.06 33.89 2.05
C LEU B 123 -4.05 34.82 3.26
N THR B 124 -4.34 34.32 4.47
CA THR B 124 -4.23 35.09 5.71
C THR B 124 -2.90 34.87 6.44
N GLY B 125 -2.05 33.97 5.94
CA GLY B 125 -0.72 33.76 6.52
C GLY B 125 -0.62 32.76 7.65
N GLN B 126 -1.68 32.02 7.96
CA GLN B 126 -1.59 30.97 8.97
C GLN B 126 -0.70 29.81 8.52
N VAL B 127 -0.70 29.47 7.22
CA VAL B 127 0.24 28.49 6.65
C VAL B 127 0.83 29.06 5.36
N ARG B 128 1.91 28.43 4.88
CA ARG B 128 2.54 28.84 3.62
C ARG B 128 1.96 28.09 2.40
N ASN B 129 1.63 26.80 2.56
CA ASN B 129 1.18 25.91 1.48
C ASN B 129 0.33 24.79 2.11
N ALA B 130 -0.30 23.93 1.28
CA ALA B 130 -1.24 22.90 1.84
C ALA B 130 -1.63 21.82 0.82
N VAL B 131 -2.16 20.68 1.34
N VAL B 131 -2.11 20.65 1.35
CA VAL B 131 -2.63 19.53 0.55
CA VAL B 131 -2.65 19.55 0.53
C VAL B 131 -4.04 19.13 0.99
C VAL B 131 -4.05 19.18 0.98
N ALA B 132 -4.88 18.69 0.03
CA ALA B 132 -6.29 18.31 0.27
C ALA B 132 -6.64 16.91 -0.27
N ILE B 133 -6.99 15.97 0.63
CA ILE B 133 -7.27 14.56 0.28
C ILE B 133 -8.79 14.39 0.25
N VAL B 134 -9.41 14.58 -0.96
CA VAL B 134 -10.87 14.72 -1.15
C VAL B 134 -11.40 13.86 -2.31
N ARG B 135 -12.70 13.46 -2.22
CA ARG B 135 -13.47 12.84 -3.30
C ARG B 135 -14.96 13.12 -3.07
N PRO B 136 -15.81 13.02 -4.13
CA PRO B 136 -15.53 12.76 -5.57
C PRO B 136 -14.77 13.91 -6.24
N PRO B 137 -14.17 13.65 -7.44
CA PRO B 137 -13.39 14.70 -8.15
C PRO B 137 -14.24 15.80 -8.81
N GLY B 138 -13.59 16.79 -9.45
CA GLY B 138 -14.34 17.92 -10.01
C GLY B 138 -14.14 18.44 -11.44
N HIS B 139 -12.99 18.18 -12.12
CA HIS B 139 -12.62 19.03 -13.28
C HIS B 139 -13.46 18.81 -14.56
N HIS B 140 -14.29 17.75 -14.66
CA HIS B 140 -15.20 17.64 -15.81
C HIS B 140 -16.57 18.34 -15.60
N ALA B 141 -16.91 18.80 -14.38
CA ALA B 141 -18.23 19.40 -14.15
C ALA B 141 -18.33 20.78 -14.84
N GLU B 142 -19.47 21.05 -15.50
CA GLU B 142 -19.75 22.30 -16.23
C GLU B 142 -20.74 23.19 -15.43
N LYS B 143 -20.92 24.43 -15.91
CA LYS B 143 -21.90 25.33 -15.30
C LYS B 143 -23.25 24.66 -15.09
N ASP B 144 -23.72 23.89 -16.09
CA ASP B 144 -25.09 23.33 -16.06
C ASP B 144 -25.21 21.79 -16.06
N THR B 145 -24.13 21.00 -15.84
CA THR B 145 -24.26 19.54 -15.88
C THR B 145 -23.09 18.81 -15.18
N ALA B 146 -23.34 17.55 -14.76
CA ALA B 146 -22.32 16.60 -14.24
C ALA B 146 -21.73 15.72 -15.34
N CYS B 147 -20.52 15.15 -15.09
CA CYS B 147 -19.79 14.38 -16.11
C CYS B 147 -18.57 13.65 -15.50
N GLY B 148 -18.28 12.45 -15.97
CA GLY B 148 -17.02 11.74 -15.67
C GLY B 148 -16.62 11.63 -14.20
N PHE B 149 -17.51 11.07 -13.39
CA PHE B 149 -17.39 10.89 -11.93
C PHE B 149 -17.43 12.21 -11.12
N CYS B 150 -17.74 13.38 -11.73
CA CYS B 150 -17.68 14.71 -11.10
C CYS B 150 -19.05 15.41 -11.03
N PHE B 151 -19.37 16.04 -9.88
CA PHE B 151 -20.65 16.75 -9.65
C PHE B 151 -20.54 18.28 -9.67
N PHE B 152 -19.63 18.87 -8.89
CA PHE B 152 -19.37 20.32 -8.92
C PHE B 152 -17.87 20.54 -9.15
N ASN B 153 -17.47 21.70 -9.74
CA ASN B 153 -16.06 21.91 -10.15
C ASN B 153 -15.29 22.54 -8.99
N THR B 154 -14.73 21.65 -8.14
CA THR B 154 -14.04 22.05 -6.92
C THR B 154 -12.94 23.09 -7.14
N ALA B 155 -12.06 22.85 -8.14
CA ALA B 155 -10.94 23.76 -8.38
C ALA B 155 -11.38 25.13 -8.93
N ALA B 156 -12.33 25.14 -9.87
CA ALA B 156 -12.85 26.42 -10.39
C ALA B 156 -13.52 27.26 -9.29
N LEU B 157 -14.36 26.62 -8.46
CA LEU B 157 -14.97 27.32 -7.32
C LEU B 157 -13.94 27.88 -6.34
N THR B 158 -12.82 27.16 -6.10
CA THR B 158 -11.82 27.67 -5.16
C THR B 158 -11.12 28.92 -5.71
N ALA B 159 -10.94 29.04 -7.04
CA ALA B 159 -10.37 30.28 -7.57
C ALA B 159 -11.28 31.50 -7.34
N ARG B 160 -12.59 31.36 -7.59
CA ARG B 160 -13.53 32.46 -7.36
C ARG B 160 -13.69 32.78 -5.87
N TYR B 161 -13.66 31.75 -4.99
CA TYR B 161 -13.69 32.02 -3.54
C TYR B 161 -12.51 32.90 -3.12
N ALA B 162 -11.31 32.59 -3.62
CA ALA B 162 -10.12 33.36 -3.28
C ALA B 162 -10.27 34.83 -3.70
N GLN B 163 -10.82 35.08 -4.89
CA GLN B 163 -11.02 36.48 -5.33
C GLN B 163 -12.01 37.19 -4.41
N SER B 164 -13.02 36.47 -3.91
CA SER B 164 -14.06 37.13 -3.11
C SER B 164 -13.56 37.59 -1.74
N ILE B 165 -12.48 37.02 -1.20
CA ILE B 165 -11.97 37.41 0.12
C ILE B 165 -10.70 38.25 0.02
N THR B 166 -10.33 38.71 -1.18
CA THR B 166 -9.16 39.58 -1.37
C THR B 166 -9.55 40.76 -2.29
N ARG B 167 -9.39 40.58 -3.61
CA ARG B 167 -9.89 41.54 -4.59
C ARG B 167 -10.28 40.79 -5.86
N GLU B 168 -11.24 41.37 -6.61
CA GLU B 168 -11.79 40.71 -7.79
C GLU B 168 -10.72 40.33 -8.82
N SER B 169 -9.68 41.15 -8.97
CA SER B 169 -8.70 40.91 -10.03
C SER B 169 -7.48 40.08 -9.60
N LEU B 170 -7.49 39.44 -8.42
CA LEU B 170 -6.38 38.58 -7.99
C LEU B 170 -6.00 37.58 -9.09
N ARG B 171 -4.70 37.51 -9.39
CA ARG B 171 -4.19 36.62 -10.45
C ARG B 171 -3.99 35.17 -9.93
N VAL B 172 -4.69 34.20 -10.54
CA VAL B 172 -4.63 32.78 -10.13
C VAL B 172 -4.20 31.90 -11.30
N LEU B 173 -3.24 30.99 -11.08
CA LEU B 173 -2.81 29.98 -12.06
C LEU B 173 -3.33 28.61 -11.63
N ILE B 174 -3.94 27.86 -12.57
CA ILE B 174 -4.38 26.46 -12.35
C ILE B 174 -3.58 25.56 -13.28
N VAL B 175 -2.78 24.64 -12.71
CA VAL B 175 -2.00 23.63 -13.46
C VAL B 175 -2.68 22.25 -13.28
N ASP B 176 -3.11 21.64 -14.41
CA ASP B 176 -3.93 20.40 -14.41
C ASP B 176 -3.08 19.24 -14.97
N TRP B 177 -2.45 18.44 -14.08
CA TRP B 177 -1.58 17.34 -14.54
C TRP B 177 -2.22 15.94 -14.47
N ASP B 178 -3.50 15.83 -14.12
CA ASP B 178 -4.30 14.62 -14.38
C ASP B 178 -4.18 14.21 -15.86
N VAL B 179 -4.19 12.89 -16.14
CA VAL B 179 -4.03 12.39 -17.53
C VAL B 179 -5.19 12.75 -18.47
N HIS B 180 -6.36 13.18 -17.94
CA HIS B 180 -7.52 13.58 -18.77
C HIS B 180 -7.67 15.12 -18.86
N HIS B 181 -8.27 15.63 -19.96
CA HIS B 181 -8.51 17.08 -20.12
C HIS B 181 -9.63 17.57 -19.18
N GLY B 182 -9.40 18.73 -18.54
CA GLY B 182 -10.45 19.33 -17.71
C GLY B 182 -11.37 20.26 -18.48
N ASN B 183 -12.33 19.68 -19.22
CA ASN B 183 -13.22 20.46 -20.11
C ASN B 183 -14.03 21.53 -19.36
N GLY B 184 -14.53 21.21 -18.15
CA GLY B 184 -15.28 22.20 -17.38
C GLY B 184 -14.48 23.42 -16.98
N THR B 185 -13.25 23.23 -16.51
CA THR B 185 -12.40 24.36 -16.10
C THR B 185 -12.06 25.27 -17.31
N GLN B 186 -11.67 24.67 -18.45
CA GLN B 186 -11.46 25.46 -19.69
C GLN B 186 -12.67 26.33 -20.03
N HIS B 187 -13.88 25.76 -19.97
CA HIS B 187 -15.05 26.52 -20.43
C HIS B 187 -15.43 27.65 -19.46
N ILE B 188 -15.33 27.41 -18.14
CA ILE B 188 -15.73 28.42 -17.14
C ILE B 188 -14.89 29.69 -17.23
N PHE B 189 -13.61 29.58 -17.60
CA PHE B 189 -12.66 30.70 -17.63
C PHE B 189 -12.24 31.11 -19.06
N GLU B 190 -12.92 30.63 -20.11
CA GLU B 190 -12.42 30.79 -21.48
C GLU B 190 -12.29 32.28 -21.92
N GLU B 191 -13.10 33.18 -21.35
CA GLU B 191 -13.07 34.60 -21.69
C GLU B 191 -12.49 35.48 -20.58
N ASP B 192 -11.64 34.93 -19.71
CA ASP B 192 -11.17 35.60 -18.50
CA ASP B 192 -11.18 35.58 -18.49
C ASP B 192 -9.66 35.72 -18.53
N ASP B 193 -9.14 36.94 -18.32
CA ASP B 193 -7.70 37.15 -18.27
C ASP B 193 -7.14 37.24 -16.84
N SER B 194 -7.96 36.96 -15.80
CA SER B 194 -7.46 36.93 -14.42
C SER B 194 -7.13 35.52 -13.93
N VAL B 195 -7.54 34.49 -14.66
CA VAL B 195 -7.29 33.08 -14.30
C VAL B 195 -6.65 32.40 -15.52
N LEU B 196 -5.37 31.97 -15.39
CA LEU B 196 -4.66 31.24 -16.45
C LEU B 196 -4.81 29.74 -16.24
N TYR B 197 -5.25 29.01 -17.28
CA TYR B 197 -5.44 27.54 -17.23
C TYR B 197 -4.40 26.85 -18.12
N ILE B 198 -3.63 25.89 -17.55
CA ILE B 198 -2.64 25.09 -18.31
C ILE B 198 -2.88 23.59 -18.02
N SER B 199 -3.17 22.78 -19.07
CA SER B 199 -3.42 21.33 -18.94
C SER B 199 -2.46 20.51 -19.80
N LEU B 200 -1.93 19.39 -19.25
CA LEU B 200 -1.27 18.32 -20.01
C LEU B 200 -2.18 17.08 -20.00
N HIS B 201 -2.33 16.38 -21.15
CA HIS B 201 -3.29 15.25 -21.23
C HIS B 201 -3.09 14.32 -22.44
N ARG B 202 -3.38 13.00 -22.24
CA ARG B 202 -3.46 12.04 -23.37
C ARG B 202 -4.65 12.42 -24.27
N TYR B 203 -4.43 12.53 -25.60
CA TYR B 203 -5.42 13.06 -26.56
C TYR B 203 -5.78 12.07 -27.67
N GLU B 204 -4.78 11.54 -28.38
CA GLU B 204 -4.97 10.57 -29.46
C GLU B 204 -5.96 11.09 -30.51
N ASP B 205 -5.73 12.34 -30.98
CA ASP B 205 -6.49 12.95 -32.07
C ASP B 205 -7.99 13.00 -31.77
N GLY B 206 -8.35 13.20 -30.50
CA GLY B 206 -9.73 13.31 -30.09
C GLY B 206 -10.42 12.01 -29.68
N ALA B 207 -9.71 10.88 -29.68
CA ALA B 207 -10.33 9.59 -29.40
C ALA B 207 -10.29 9.13 -27.94
N PHE B 208 -9.54 9.81 -27.05
CA PHE B 208 -9.44 9.45 -25.63
C PHE B 208 -10.45 10.29 -24.82
N PHE B 209 -10.99 9.71 -23.72
CA PHE B 209 -12.02 10.42 -22.93
C PHE B 209 -11.49 11.78 -22.45
N PRO B 210 -12.30 12.89 -22.53
CA PRO B 210 -13.74 13.01 -22.85
C PRO B 210 -14.16 13.21 -24.33
N ASN B 211 -13.27 12.88 -25.28
CA ASN B 211 -13.63 12.61 -26.69
C ASN B 211 -13.99 13.87 -27.50
N SER B 212 -13.38 15.03 -27.24
CA SER B 212 -13.73 16.30 -27.91
C SER B 212 -12.50 17.04 -28.46
N GLU B 213 -12.63 17.63 -29.68
CA GLU B 213 -11.53 18.42 -30.22
C GLU B 213 -11.29 19.77 -29.47
N ASP B 214 -12.12 20.12 -28.48
CA ASP B 214 -11.85 21.26 -27.60
C ASP B 214 -10.50 21.15 -26.88
N ALA B 215 -9.94 19.94 -26.77
CA ALA B 215 -8.68 19.73 -26.04
C ALA B 215 -7.41 19.89 -26.89
N ASN B 216 -7.51 20.33 -28.16
CA ASN B 216 -6.32 20.44 -29.02
C ASN B 216 -5.56 21.75 -28.76
N TYR B 217 -4.33 21.83 -29.31
CA TYR B 217 -3.41 22.95 -29.02
C TYR B 217 -3.87 24.29 -29.61
N ASP B 218 -4.77 24.29 -30.59
CA ASP B 218 -5.15 25.57 -31.22
C ASP B 218 -6.31 26.29 -30.51
N LYS B 219 -6.82 25.75 -29.40
CA LYS B 219 -7.84 26.44 -28.60
C LYS B 219 -7.10 27.31 -27.57
N VAL B 220 -6.96 28.61 -27.87
CA VAL B 220 -6.11 29.53 -27.11
C VAL B 220 -6.89 30.49 -26.21
N GLY B 221 -8.23 30.44 -26.18
CA GLY B 221 -9.07 31.38 -25.45
C GLY B 221 -9.86 32.29 -26.38
N LEU B 222 -10.81 33.04 -25.78
CA LEU B 222 -11.76 33.90 -26.52
C LEU B 222 -11.75 35.35 -26.03
N GLY B 223 -11.95 36.30 -26.96
CA GLY B 223 -12.13 37.68 -26.46
C GLY B 223 -10.92 38.20 -25.71
N LYS B 224 -11.15 38.90 -24.58
CA LYS B 224 -10.02 39.37 -23.80
C LYS B 224 -9.25 38.21 -23.17
N GLY B 225 -9.77 37.00 -23.25
CA GLY B 225 -9.05 35.82 -22.78
C GLY B 225 -8.08 35.15 -23.74
N ARG B 226 -7.86 35.71 -24.95
N ARG B 226 -7.85 35.72 -24.93
CA ARG B 226 -6.97 35.07 -25.91
CA ARG B 226 -6.96 35.10 -25.88
C ARG B 226 -5.54 35.10 -25.38
C ARG B 226 -5.53 35.11 -25.36
N GLY B 227 -4.92 33.92 -25.32
CA GLY B 227 -3.60 33.74 -24.75
C GLY B 227 -3.62 33.10 -23.37
N TYR B 228 -4.77 33.07 -22.70
CA TYR B 228 -4.84 32.63 -21.30
C TYR B 228 -5.40 31.19 -21.13
N ASN B 229 -5.46 30.40 -22.21
CA ASN B 229 -5.76 28.96 -22.19
C ASN B 229 -4.66 28.19 -22.95
N VAL B 230 -3.97 27.26 -22.27
CA VAL B 230 -2.82 26.51 -22.87
C VAL B 230 -3.05 24.99 -22.77
N ASN B 231 -3.26 24.31 -23.90
CA ASN B 231 -3.46 22.84 -23.97
C ASN B 231 -2.22 22.15 -24.54
N ILE B 232 -1.68 21.14 -23.83
CA ILE B 232 -0.51 20.35 -24.27
C ILE B 232 -0.91 18.89 -24.53
N PRO B 233 -1.27 18.49 -25.81
CA PRO B 233 -1.84 17.15 -26.09
C PRO B 233 -0.87 16.07 -26.57
N TRP B 234 -0.89 14.88 -25.96
CA TRP B 234 -0.03 13.75 -26.33
C TRP B 234 -0.71 12.74 -27.29
N ASN B 235 0.03 12.31 -28.32
CA ASN B 235 -0.43 11.34 -29.35
C ASN B 235 0.61 10.24 -29.56
N GLY B 236 0.18 8.98 -29.62
CA GLY B 236 1.08 7.89 -29.98
C GLY B 236 1.82 7.22 -28.82
N GLY B 237 2.77 7.91 -28.22
CA GLY B 237 3.68 7.26 -27.30
C GLY B 237 3.16 7.11 -25.86
N LYS B 238 3.85 6.21 -25.14
CA LYS B 238 3.64 5.98 -23.71
C LYS B 238 4.56 6.92 -22.92
N MET B 239 4.04 8.10 -22.54
CA MET B 239 4.90 9.18 -22.05
C MET B 239 5.23 8.98 -20.56
N GLY B 240 6.36 9.59 -20.13
CA GLY B 240 6.86 9.48 -18.76
C GLY B 240 7.71 10.71 -18.29
N ASP B 241 8.63 10.48 -17.35
CA ASP B 241 9.43 11.57 -16.77
C ASP B 241 10.17 12.43 -17.83
N PRO B 242 10.84 11.87 -18.84
CA PRO B 242 11.54 12.74 -19.82
C PRO B 242 10.62 13.74 -20.52
N GLU B 243 9.44 13.29 -20.97
CA GLU B 243 8.54 14.17 -21.72
C GLU B 243 7.90 15.24 -20.81
N TYR B 244 7.60 14.90 -19.53
CA TYR B 244 6.97 15.89 -18.64
C TYR B 244 8.00 16.94 -18.18
N MET B 245 9.26 16.54 -17.92
CA MET B 245 10.31 17.53 -17.61
C MET B 245 10.54 18.49 -18.78
N ALA B 246 10.48 17.99 -20.03
CA ALA B 246 10.69 18.84 -21.21
C ALA B 246 9.54 19.82 -21.42
N ALA B 247 8.29 19.40 -21.20
CA ALA B 247 7.16 20.34 -21.29
C ALA B 247 7.26 21.45 -20.24
N PHE B 248 7.70 21.14 -19.01
CA PHE B 248 7.82 22.17 -17.98
C PHE B 248 8.91 23.19 -18.33
N HIS B 249 10.03 22.69 -18.88
CA HIS B 249 11.18 23.55 -19.22
C HIS B 249 10.86 24.51 -20.37
N HIS B 250 10.23 24.00 -21.45
CA HIS B 250 10.03 24.81 -22.65
C HIS B 250 8.72 25.60 -22.67
N LEU B 251 7.71 25.21 -21.87
CA LEU B 251 6.38 25.83 -21.96
C LEU B 251 5.81 26.28 -20.61
N VAL B 252 5.62 25.36 -19.63
CA VAL B 252 4.84 25.69 -18.42
C VAL B 252 5.52 26.80 -17.62
N MET B 253 6.81 26.65 -17.34
CA MET B 253 7.51 27.59 -16.45
C MET B 253 7.78 28.95 -17.11
N PRO B 254 8.18 29.04 -18.39
CA PRO B 254 8.33 30.39 -18.99
C PRO B 254 7.05 31.22 -18.99
N ILE B 255 5.93 30.62 -19.38
CA ILE B 255 4.65 31.33 -19.41
C ILE B 255 4.21 31.73 -18.00
N ALA B 256 4.32 30.82 -17.03
CA ALA B 256 3.85 31.13 -15.68
C ALA B 256 4.64 32.28 -15.06
N ARG B 257 5.94 32.36 -15.32
CA ARG B 257 6.73 33.44 -14.73
C ARG B 257 6.38 34.80 -15.35
N GLU B 258 5.95 34.83 -16.60
CA GLU B 258 5.52 36.08 -17.22
C GLU B 258 4.16 36.55 -16.71
N PHE B 259 3.27 35.60 -16.36
CA PHE B 259 1.96 35.92 -15.80
C PHE B 259 2.07 36.46 -14.36
N ALA B 260 3.03 35.93 -13.57
CA ALA B 260 3.30 36.34 -12.19
C ALA B 260 2.10 36.13 -11.26
N PRO B 261 1.69 34.87 -11.04
CA PRO B 261 0.51 34.60 -10.21
C PRO B 261 0.69 35.00 -8.74
N GLU B 262 -0.45 35.26 -8.07
CA GLU B 262 -0.52 35.54 -6.65
C GLU B 262 -0.96 34.32 -5.82
N LEU B 263 -1.49 33.27 -6.48
CA LEU B 263 -1.85 31.98 -5.88
C LEU B 263 -1.78 30.90 -6.96
N VAL B 264 -1.28 29.68 -6.63
CA VAL B 264 -1.24 28.53 -7.57
C VAL B 264 -2.13 27.40 -7.02
N LEU B 265 -3.06 26.89 -7.85
CA LEU B 265 -3.85 25.68 -7.55
C LEU B 265 -3.44 24.53 -8.48
N VAL B 266 -3.21 23.32 -7.93
CA VAL B 266 -2.87 22.13 -8.76
C VAL B 266 -4.09 21.21 -8.80
N SER B 267 -4.63 20.97 -10.02
CA SER B 267 -5.60 19.88 -10.25
C SER B 267 -4.77 18.60 -10.37
N ALA B 268 -4.50 17.95 -9.22
CA ALA B 268 -3.48 16.89 -9.10
C ALA B 268 -4.13 15.50 -9.10
N GLY B 269 -4.48 15.00 -10.31
CA GLY B 269 -4.75 13.55 -10.44
C GLY B 269 -3.43 12.79 -10.54
N PHE B 270 -3.46 11.50 -10.12
CA PHE B 270 -2.28 10.61 -10.20
C PHE B 270 -2.55 9.41 -11.11
N ASP B 271 -3.29 9.64 -12.21
CA ASP B 271 -3.57 8.62 -13.23
C ASP B 271 -2.63 8.65 -14.45
N ALA B 272 -1.66 9.60 -14.54
CA ALA B 272 -0.51 9.42 -15.43
C ALA B 272 0.65 8.58 -14.80
N ALA B 273 0.43 7.97 -13.63
CA ALA B 273 1.48 7.22 -12.91
C ALA B 273 1.71 5.80 -13.47
N ARG B 274 2.96 5.34 -13.30
CA ARG B 274 3.31 3.94 -13.58
C ARG B 274 2.41 3.00 -12.78
N GLY B 275 1.71 2.08 -13.48
CA GLY B 275 0.77 1.15 -12.84
C GLY B 275 -0.73 1.47 -12.96
N ASP B 276 -1.13 2.68 -13.42
CA ASP B 276 -2.56 3.02 -13.47
C ASP B 276 -3.30 2.20 -14.55
N PRO B 277 -4.45 1.60 -14.23
CA PRO B 277 -5.19 0.80 -15.23
C PRO B 277 -5.85 1.61 -16.34
N LEU B 278 -6.22 2.86 -16.11
CA LEU B 278 -6.88 3.64 -17.17
C LEU B 278 -5.90 4.47 -18.02
N GLY B 279 -4.82 4.96 -17.43
CA GLY B 279 -3.93 5.90 -18.13
C GLY B 279 -2.89 5.28 -19.07
N GLY B 280 -2.23 4.21 -18.65
CA GLY B 280 -1.21 3.56 -19.47
C GLY B 280 0.14 4.28 -19.60
N PHE B 281 0.41 5.34 -18.80
CA PHE B 281 1.64 6.13 -18.85
C PHE B 281 2.63 5.68 -17.73
N GLN B 282 3.76 6.40 -17.56
N GLN B 282 3.78 6.40 -17.58
CA GLN B 282 4.85 5.91 -16.70
CA GLN B 282 4.92 5.93 -16.80
C GLN B 282 5.57 7.04 -15.95
C GLN B 282 5.55 6.96 -15.83
N VAL B 283 4.84 8.04 -15.45
CA VAL B 283 5.43 9.03 -14.51
C VAL B 283 5.67 8.38 -13.12
N THR B 284 6.92 8.64 -12.49
CA THR B 284 7.37 8.02 -11.23
C THR B 284 7.13 8.93 -10.01
N PRO B 285 7.17 8.38 -8.77
CA PRO B 285 7.06 9.27 -7.59
C PRO B 285 8.14 10.34 -7.53
N GLU B 286 9.37 10.02 -7.93
CA GLU B 286 10.44 11.01 -8.03
C GLU B 286 10.13 12.09 -9.07
N GLY B 287 9.45 11.71 -10.16
CA GLY B 287 9.03 12.73 -11.14
C GLY B 287 8.00 13.72 -10.60
N TYR B 288 6.97 13.21 -9.89
CA TYR B 288 6.01 14.13 -9.25
C TYR B 288 6.69 15.04 -8.20
N ALA B 289 7.74 14.55 -7.51
CA ALA B 289 8.49 15.41 -6.57
C ALA B 289 9.16 16.58 -7.30
N HIS B 290 9.75 16.33 -8.47
CA HIS B 290 10.43 17.39 -9.23
C HIS B 290 9.41 18.42 -9.79
N LEU B 291 8.22 17.97 -10.23
CA LEU B 291 7.22 18.95 -10.70
C LEU B 291 6.71 19.85 -9.55
N THR B 292 6.50 19.29 -8.35
CA THR B 292 6.06 20.09 -7.18
C THR B 292 7.11 21.16 -6.80
N HIS B 293 8.40 20.77 -6.77
CA HIS B 293 9.49 21.67 -6.39
C HIS B 293 9.63 22.85 -7.36
N GLN B 294 9.38 22.64 -8.67
CA GLN B 294 9.42 23.75 -9.63
C GLN B 294 8.29 24.75 -9.37
N LEU B 295 7.06 24.26 -9.11
CA LEU B 295 5.94 25.17 -8.85
C LEU B 295 6.09 25.97 -7.54
N MET B 296 6.88 25.49 -6.58
CA MET B 296 7.13 26.20 -5.31
C MET B 296 7.93 27.49 -5.51
N SER B 297 8.56 27.68 -6.67
CA SER B 297 9.28 28.93 -6.96
C SER B 297 8.37 30.06 -7.43
N LEU B 298 7.06 29.84 -7.57
CA LEU B 298 6.11 30.88 -7.97
C LEU B 298 5.31 31.40 -6.77
N ALA B 299 4.76 32.63 -6.94
CA ALA B 299 3.78 33.22 -6.01
C ALA B 299 4.25 33.26 -4.55
N ALA B 300 5.54 33.52 -4.34
CA ALA B 300 6.17 33.49 -3.00
C ALA B 300 5.87 32.19 -2.24
N GLY B 301 5.67 31.10 -2.97
CA GLY B 301 5.45 29.78 -2.40
C GLY B 301 4.02 29.40 -2.03
N ARG B 302 3.00 30.21 -2.37
CA ARG B 302 1.60 29.96 -2.00
C ARG B 302 0.94 28.95 -2.97
N VAL B 303 0.93 27.65 -2.61
CA VAL B 303 0.55 26.52 -3.48
C VAL B 303 -0.41 25.58 -2.73
N LEU B 304 -1.55 25.24 -3.35
CA LEU B 304 -2.53 24.26 -2.82
C LEU B 304 -2.67 23.08 -3.80
N ILE B 305 -2.45 21.83 -3.32
CA ILE B 305 -2.52 20.60 -4.14
C ILE B 305 -3.87 19.87 -3.87
N ILE B 306 -4.71 19.70 -4.92
CA ILE B 306 -6.10 19.18 -4.83
C ILE B 306 -6.24 17.82 -5.57
N LEU B 307 -6.62 16.73 -4.85
CA LEU B 307 -6.76 15.39 -5.52
C LEU B 307 -7.87 15.39 -6.58
N GLU B 308 -7.56 14.88 -7.80
CA GLU B 308 -8.58 14.60 -8.85
C GLU B 308 -8.69 13.08 -9.07
N GLY B 309 -8.28 12.53 -10.25
CA GLY B 309 -8.34 11.10 -10.53
C GLY B 309 -7.11 10.31 -10.01
N GLY B 310 -6.99 9.04 -10.47
CA GLY B 310 -5.92 8.05 -10.11
C GLY B 310 -6.42 6.82 -9.39
N TYR B 311 -6.07 5.62 -9.91
CA TYR B 311 -6.85 4.39 -9.63
C TYR B 311 -6.05 3.14 -9.18
N ASN B 312 -4.71 3.15 -9.20
CA ASN B 312 -3.90 2.07 -8.58
C ASN B 312 -3.60 2.51 -7.15
N LEU B 313 -4.11 1.77 -6.14
CA LEU B 313 -4.15 2.29 -4.76
C LEU B 313 -2.74 2.45 -4.15
N THR B 314 -1.82 1.51 -4.43
CA THR B 314 -0.43 1.67 -3.99
C THR B 314 0.27 2.86 -4.71
N SER B 315 0.05 3.01 -6.03
N SER B 315 0.01 3.03 -6.01
CA SER B 315 0.69 4.09 -6.80
CA SER B 315 0.66 4.08 -6.78
C SER B 315 0.27 5.49 -6.34
C SER B 315 0.27 5.48 -6.31
N ILE B 316 -1.04 5.72 -6.13
CA ILE B 316 -1.49 7.07 -5.76
C ILE B 316 -1.02 7.43 -4.33
N SER B 317 -0.93 6.44 -3.44
CA SER B 317 -0.51 6.69 -2.04
C SER B 317 0.95 7.12 -1.96
N GLU B 318 1.84 6.42 -2.70
CA GLU B 318 3.26 6.79 -2.73
C GLU B 318 3.48 8.13 -3.44
N SER B 319 2.71 8.41 -4.51
CA SER B 319 2.91 9.62 -5.31
C SER B 319 2.45 10.91 -4.59
N MET B 320 1.25 10.89 -3.99
N MET B 320 1.23 10.90 -4.01
CA MET B 320 0.83 12.09 -3.26
CA MET B 320 0.78 12.10 -3.29
C MET B 320 1.65 12.32 -1.97
C MET B 320 1.63 12.38 -2.03
N SER B 321 2.12 11.26 -1.30
N SER B 321 2.10 11.35 -1.33
CA SER B 321 2.97 11.48 -0.11
CA SER B 321 2.90 11.61 -0.12
C SER B 321 4.28 12.17 -0.47
C SER B 321 4.29 12.18 -0.46
N MET B 322 4.86 11.82 -1.63
CA MET B 322 6.10 12.46 -2.05
CA MET B 322 6.10 12.46 -2.07
C MET B 322 5.90 13.96 -2.29
N CYS B 323 4.72 14.36 -2.81
CA CYS B 323 4.44 15.79 -3.01
C CYS B 323 4.39 16.54 -1.66
N THR B 324 3.80 15.94 -0.62
CA THR B 324 3.73 16.59 0.71
C THR B 324 5.14 16.80 1.30
N SER B 325 6.02 15.79 1.17
CA SER B 325 7.42 15.90 1.57
C SER B 325 8.13 17.08 0.90
N MET B 326 7.85 17.36 -0.37
CA MET B 326 8.48 18.54 -0.99
C MET B 326 7.95 19.84 -0.38
N LEU B 327 6.62 19.94 -0.14
CA LEU B 327 6.07 21.16 0.46
C LEU B 327 6.66 21.45 1.84
N LEU B 328 7.03 20.41 2.59
CA LEU B 328 7.62 20.55 3.93
C LEU B 328 9.10 20.95 3.93
N GLY B 329 9.77 21.01 2.76
CA GLY B 329 11.14 21.46 2.65
C GLY B 329 12.21 20.40 2.41
N ASP B 330 11.85 19.12 2.28
CA ASP B 330 12.82 18.04 2.11
C ASP B 330 13.51 18.13 0.72
N SER B 331 14.72 17.53 0.62
CA SER B 331 15.50 17.63 -0.62
C SER B 331 14.93 16.70 -1.71
N PRO B 332 14.86 17.16 -2.96
CA PRO B 332 14.32 16.31 -4.05
C PRO B 332 15.20 15.11 -4.34
N PRO B 333 14.61 13.91 -4.50
CA PRO B 333 15.39 12.73 -4.89
C PRO B 333 15.78 12.75 -6.36
N SER B 334 16.83 12.00 -6.70
N SER B 334 16.84 12.00 -6.69
CA SER B 334 17.34 12.02 -8.06
CA SER B 334 17.35 11.98 -8.06
C SER B 334 16.44 11.22 -9.01
C SER B 334 16.44 11.22 -9.02
N LEU B 335 16.36 11.70 -10.26
CA LEU B 335 15.64 10.99 -11.31
C LEU B 335 16.52 9.88 -11.91
N ASP B 336 15.96 9.14 -12.87
CA ASP B 336 16.70 8.11 -13.60
C ASP B 336 17.70 8.76 -14.58
N HIS B 337 18.57 7.92 -15.17
CA HIS B 337 19.56 8.45 -16.11
C HIS B 337 18.90 8.99 -17.40
N LEU B 338 19.60 9.92 -18.06
CA LEU B 338 19.10 10.58 -19.28
C LEU B 338 18.89 9.60 -20.45
N THR B 339 17.86 9.88 -21.26
CA THR B 339 17.45 9.03 -22.38
C THR B 339 16.71 9.88 -23.42
N PRO B 340 16.68 9.49 -24.70
CA PRO B 340 16.02 10.34 -25.72
C PRO B 340 14.51 10.43 -25.56
N LEU B 341 13.95 11.60 -25.90
CA LEU B 341 12.50 11.79 -25.94
C LEU B 341 11.87 11.01 -27.09
N LYS B 342 10.62 10.58 -26.90
CA LYS B 342 9.85 10.00 -28.00
C LYS B 342 9.59 11.05 -29.09
N THR B 343 9.61 10.60 -30.36
CA THR B 343 9.52 11.54 -31.48
C THR B 343 8.20 12.32 -31.46
N SER B 344 7.07 11.64 -31.24
CA SER B 344 5.78 12.33 -31.25
C SER B 344 5.68 13.39 -30.16
N ALA B 345 6.39 13.24 -29.03
CA ALA B 345 6.34 14.25 -27.96
C ALA B 345 7.01 15.57 -28.40
N THR B 346 8.10 15.49 -29.19
CA THR B 346 8.70 16.72 -29.72
C THR B 346 7.79 17.41 -30.75
N VAL B 347 7.01 16.64 -31.52
CA VAL B 347 6.05 17.24 -32.45
C VAL B 347 4.99 18.05 -31.67
N SER B 348 4.44 17.45 -30.60
CA SER B 348 3.42 18.13 -29.78
C SER B 348 3.94 19.45 -29.19
N ILE B 349 5.13 19.44 -28.58
CA ILE B 349 5.69 20.64 -27.97
C ILE B 349 5.89 21.75 -29.02
N ASN B 350 6.35 21.37 -30.23
CA ASN B 350 6.57 22.37 -31.30
C ASN B 350 5.27 23.02 -31.75
N ASN B 351 4.18 22.24 -31.83
CA ASN B 351 2.88 22.79 -32.20
C ASN B 351 2.39 23.81 -31.15
N VAL B 352 2.56 23.53 -29.84
CA VAL B 352 2.11 24.49 -28.82
C VAL B 352 2.95 25.77 -28.86
N LEU B 353 4.26 25.66 -29.10
CA LEU B 353 5.11 26.86 -29.19
C LEU B 353 4.67 27.77 -30.33
N ARG B 354 4.29 27.19 -31.47
CA ARG B 354 3.88 28.01 -32.62
C ARG B 354 2.57 28.76 -32.34
N ALA B 355 1.65 28.12 -31.60
CA ALA B 355 0.34 28.72 -31.35
C ALA B 355 0.40 29.86 -30.33
N HIS B 356 1.32 29.81 -29.36
CA HIS B 356 1.35 30.77 -28.26
C HIS B 356 2.48 31.79 -28.35
N ALA B 357 3.43 31.63 -29.28
CA ALA B 357 4.46 32.67 -29.43
C ALA B 357 3.90 34.07 -29.74
N PRO B 358 2.77 34.25 -30.44
CA PRO B 358 2.26 35.62 -30.61
C PRO B 358 1.83 36.30 -29.32
N PHE B 359 1.58 35.56 -28.23
CA PHE B 359 1.02 36.13 -27.01
C PHE B 359 2.01 36.26 -25.85
N TRP B 360 3.14 35.52 -25.85
CA TRP B 360 4.05 35.51 -24.71
C TRP B 360 5.46 35.82 -25.19
N SER B 361 6.01 36.95 -24.72
CA SER B 361 7.32 37.40 -25.17
CA SER B 361 7.32 37.39 -25.19
C SER B 361 8.43 36.41 -24.81
N SER B 362 8.26 35.67 -23.71
CA SER B 362 9.28 34.73 -23.25
C SER B 362 9.51 33.55 -24.20
N LEU B 363 8.60 33.33 -25.17
CA LEU B 363 8.77 32.26 -26.13
C LEU B 363 9.34 32.74 -27.47
N ARG B 364 9.45 34.05 -27.68
CA ARG B 364 9.90 34.60 -28.96
C ARG B 364 11.42 34.77 -29.01
ZN ZN C . 6.14 -11.76 15.65
K K D . 11.85 -16.29 15.12
K K E . 13.98 -30.71 17.34
N11 AH4 F . 4.50 -13.17 17.43
N11 AH4 F . 4.47 -13.09 17.49
C21 AH4 F . 0.38 -0.47 19.60
C21 AH4 F . -1.81 -0.21 20.26
C31 AH4 F . 4.34 1.89 18.80
C31 AH4 F . 2.02 0.93 17.81
C22 AH4 F . -0.24 -0.95 18.41
C22 AH4 F . -2.04 0.49 21.49
C32 AH4 F . 3.32 0.89 18.79
C32 AH4 F . 0.86 0.21 18.23
C02 AH4 F . 3.19 -5.89 22.26
C02 AH4 F . 0.16 -6.12 22.69
C04 AH4 F . 2.66 -7.95 23.79
C04 AH4 F . 1.77 -7.88 23.73
C05 AH4 F . 2.15 -9.14 22.97
C05 AH4 F . 1.76 -9.14 22.84
C06 AH4 F . 2.92 -9.30 21.61
C06 AH4 F . 2.81 -9.14 21.68
C07 AH4 F . 2.45 -10.47 20.73
C07 AH4 F . 2.76 -10.44 20.87
C08 AH4 F . 3.32 -10.64 19.44
C08 AH4 F . 3.49 -10.43 19.50
C09 AH4 F . 2.78 -11.68 18.45
C09 AH4 F . 2.88 -11.47 18.52
C10 AH4 F . 3.77 -12.01 17.36
C10 AH4 F . 3.82 -11.88 17.42
C14 AH4 F . 2.80 -4.60 21.64
C14 AH4 F . -0.06 -4.81 21.97
C15 AH4 F . 3.78 -3.63 21.32
C15 AH4 F . 0.99 -4.18 21.25
C17 AH4 F . 1.45 -4.24 21.36
C17 AH4 F . -1.28 -4.09 22.03
C19 AH4 F . 2.14 -2.11 20.51
C19 AH4 F . -0.40 -2.31 20.69
C23 AH4 F . -1.60 -0.63 18.08
C23 AH4 F . -3.23 1.23 21.72
C24 AH4 F . -2.37 0.19 18.96
C24 AH4 F . -4.25 1.31 20.74
C25 AH4 F . -1.77 0.67 20.16
C25 AH4 F . -4.04 0.64 19.52
C26 AH4 F . -0.42 0.34 20.46
C26 AH4 F . -2.84 -0.10 19.28
C27 AH4 F . 2.87 0.27 19.97
C27 AH4 F . 0.69 -0.25 19.57
C28 AH4 F . 3.48 0.70 21.21
C28 AH4 F . 1.74 0.07 20.48
C29 AH4 F . 4.50 1.69 21.22
C29 AH4 F . 2.89 0.79 20.06
C30 AH4 F . 4.94 2.30 20.01
C30 AH4 F . 3.06 1.22 18.73
N03 AH4 F . 2.30 -6.65 23.12
N03 AH4 F . 1.47 -6.62 22.98
N16 AH4 F . 3.46 -2.44 20.78
N16 AH4 F . 0.80 -2.96 20.64
N18 AH4 F . 1.14 -3.01 20.81
N18 AH4 F . -1.44 -2.89 21.39
N20 AH4 F . 1.80 -0.80 19.93
N20 AH4 F . -0.54 -1.00 20.01
O01 AH4 F . 4.35 -6.31 22.07
O01 AH4 F . -0.81 -6.76 23.13
O12 AH4 F . 5.42 -13.47 16.40
O12 AH4 F . 5.33 -13.45 16.41
O13 AH4 F . 3.98 -11.21 16.40
O13 AH4 F . 4.02 -11.13 16.43
C1 EDO G . -10.25 -21.19 -1.16
O1 EDO G . -11.48 -21.68 -0.76
C2 EDO G . -10.51 -19.90 -1.92
O2 EDO G . -9.99 -20.10 -3.20
C1 EDO H . 11.70 -9.50 -9.22
O1 EDO H . 10.61 -9.02 -8.51
C2 EDO H . 12.94 -8.92 -8.51
O2 EDO H . 12.73 -7.55 -8.41
C1 EDO I . 22.88 -1.17 7.34
O1 EDO I . 22.89 0.10 6.79
C2 EDO I . 24.21 -1.47 8.05
O2 EDO I . 24.36 -0.55 9.09
C1 EDO J . -7.69 -33.60 1.80
O1 EDO J . -8.06 -33.53 0.46
C2 EDO J . -7.30 -35.07 2.09
O2 EDO J . -7.70 -35.34 3.40
C1 EDO K . -9.55 -0.25 10.42
O1 EDO K . -10.59 -1.15 10.62
C2 EDO K . -9.52 0.64 11.69
O2 EDO K . -8.91 -0.14 12.66
C1 EDO L . 27.54 -16.54 -0.75
O1 EDO L . 26.30 -17.16 -0.62
C2 EDO L . 27.43 -15.15 -0.08
O2 EDO L . 27.21 -15.38 1.29
C1 EDO M . 8.08 2.75 6.69
O1 EDO M . 8.02 3.87 7.52
C2 EDO M . 6.73 2.66 5.94
O2 EDO M . 6.73 1.41 5.28
C1 PEG N . 13.79 -35.26 -7.54
O1 PEG N . 15.00 -34.66 -7.78
C2 PEG N . 13.39 -35.00 -6.11
O2 PEG N . 12.02 -35.18 -5.94
C3 PEG N . 11.19 -34.57 -6.96
C4 PEG N . 10.86 -33.14 -6.54
O4 PEG N . 11.78 -32.29 -7.17
CAC FLC O . 32.66 -11.17 4.03
CA FLC O . 33.39 -11.28 5.37
CB FLC O . 34.09 -12.63 5.54
CBC FLC O . 35.17 -12.50 6.68
CG FLC O . 33.05 -13.71 5.86
CGC FLC O . 32.36 -13.46 7.20
OA1 FLC O . 31.81 -10.24 3.92
OA2 FLC O . 32.89 -11.97 3.09
OB1 FLC O . 35.26 -13.55 7.44
OB2 FLC O . 35.85 -11.53 6.81
OG1 FLC O . 31.31 -12.74 7.21
OG2 FLC O . 32.81 -13.98 8.25
OHB FLC O . 34.73 -13.02 4.36
ZN ZN P . -8.28 11.51 -14.80
K K Q . -4.93 17.40 -17.52
K K R . -8.49 31.72 -19.08
N11 AH4 S . -11.01 12.26 -14.90
C21 AH4 S . -11.62 -1.05 -15.11
C31 AH4 S . -9.88 -2.38 -19.68
C22 AH4 S . -10.63 -0.79 -14.13
C32 AH4 S . -10.82 -1.79 -18.77
C02 AH4 S . -13.38 4.40 -18.80
C04 AH4 S . -15.21 6.18 -19.05
C05 AH4 S . -15.21 7.30 -17.99
C06 AH4 S . -13.76 7.81 -17.62
C07 AH4 S . -13.76 8.93 -16.58
C08 AH4 S . -12.32 9.26 -15.98
C09 AH4 S . -12.38 10.16 -14.74
C10 AH4 S . -11.11 10.91 -14.52
C14 AH4 S . -12.90 3.10 -18.17
C15 AH4 S . -13.36 2.61 -16.89
C17 AH4 S . -11.96 2.27 -18.83
C19 AH4 S . -11.98 0.66 -17.05
C23 AH4 S . -10.78 -1.19 -12.76
C24 AH4 S . -11.95 -1.89 -12.34
C25 AH4 S . -12.95 -2.16 -13.30
C26 AH4 S . -12.78 -1.75 -14.66
C27 AH4 S . -10.42 -1.26 -17.48
C28 AH4 S . -9.03 -1.32 -17.18
C29 AH4 S . -8.08 -1.91 -18.08
C30 AH4 S . -8.50 -2.43 -19.34
N03 AH4 S . -14.68 4.94 -18.48
N16 AH4 S . -12.91 1.42 -16.34
N18 AH4 S . -11.53 1.11 -18.27
N20 AH4 S . -11.44 -0.63 -16.55
O01 AH4 S . -12.67 4.99 -19.64
O12 AH4 S . -9.78 12.94 -14.70
O13 AH4 S . -10.12 10.33 -13.99
C1 EDO T . -17.20 34.32 1.94
O1 EDO T . -16.54 34.61 3.11
C2 EDO T . -17.70 32.89 2.09
O2 EDO T . -18.40 32.61 0.94
C1 EDO U . -6.36 1.84 4.51
O1 EDO U . -5.92 2.83 5.32
C2 EDO U . -7.32 2.45 3.51
O2 EDO U . -8.56 1.86 3.70
C1 EDO V . 2.08 -0.21 -9.24
O1 EDO V . 1.99 -1.58 -8.99
C2 EDO V . 3.21 0.36 -8.37
O2 EDO V . 2.61 0.89 -7.24
C1 EDO W . -23.66 22.38 -19.41
O1 EDO W . -23.39 21.37 -20.34
C2 EDO W . -22.73 23.56 -19.77
O2 EDO W . -22.94 24.53 -18.81
C1 EDO X . 7.22 7.11 -30.27
O1 EDO X . 6.03 7.70 -29.87
C2 EDO X . 7.55 7.78 -31.61
O2 EDO X . 7.08 9.08 -31.49
C1 EDO Y . 6.67 9.52 -34.54
O1 EDO Y . 5.97 8.39 -34.13
C2 EDO Y . 5.62 10.49 -35.11
O2 EDO Y . 6.01 11.78 -34.74
C1 EDO Z . -28.32 21.67 2.09
O1 EDO Z . -28.33 22.21 0.81
C2 EDO Z . -27.11 22.24 2.83
O2 EDO Z . -26.31 21.15 3.15
C1 EDO AA . -21.36 0.82 -12.83
O1 EDO AA . -22.18 1.93 -12.99
C2 EDO AA . -20.33 0.82 -13.98
O2 EDO AA . -19.74 -0.44 -13.96
C1 EDO BA . 12.55 6.43 -21.66
O1 EDO BA . 11.54 5.90 -22.45
C2 EDO BA . 11.89 6.87 -20.33
O2 EDO BA . 11.95 5.77 -19.46
#